data_5TGP
# 
_entry.id   5TGP 
# 
_audit_conform.dict_name       mmcif_pdbx.dic 
_audit_conform.dict_version    5.379 
_audit_conform.dict_location   http://mmcif.pdb.org/dictionaries/ascii/mmcif_pdbx.dic 
# 
loop_
_database_2.database_id 
_database_2.database_code 
_database_2.pdbx_database_accession 
_database_2.pdbx_DOI 
PDB   5TGP         pdb_00005tgp 10.2210/pdb5tgp/pdb 
WWPDB D_1000224227 ?            ?                   
# 
_pdbx_database_related.content_type   unspecified 
_pdbx_database_related.db_id          5TGR 
_pdbx_database_related.db_name        PDB 
_pdbx_database_related.details        . 
# 
_pdbx_database_status.status_code                     REL 
_pdbx_database_status.status_code_sf                  REL 
_pdbx_database_status.status_code_mr                  ? 
_pdbx_database_status.entry_id                        5TGP 
_pdbx_database_status.recvd_initial_deposition_date   2016-09-28 
_pdbx_database_status.SG_entry                        N 
_pdbx_database_status.deposit_site                    RCSB 
_pdbx_database_status.process_site                    RCSB 
_pdbx_database_status.status_code_cs                  ? 
_pdbx_database_status.methods_development_category    ? 
_pdbx_database_status.pdb_format_compatible           Y 
_pdbx_database_status.status_code_nmr_data            ? 
# 
loop_
_audit_author.name 
_audit_author.pdbx_ordinal 
'Zhang, W.' 1 
'Huang, Z.' 2 
# 
_citation.abstract                  ? 
_citation.abstract_id_CAS           ? 
_citation.book_id_ISBN              ? 
_citation.book_publisher            ? 
_citation.book_publisher_city       ? 
_citation.book_title                ? 
_citation.coordinate_linkage        ? 
_citation.country                   ? 
_citation.database_id_Medline       ? 
_citation.details                   ? 
_citation.id                        primary 
_citation.journal_abbrev            'To Be Published' 
_citation.journal_id_ASTM           ? 
_citation.journal_id_CSD            0353 
_citation.journal_id_ISSN           ? 
_citation.journal_full              ? 
_citation.journal_issue             ? 
_citation.journal_volume            ? 
_citation.language                  ? 
_citation.page_first                ? 
_citation.page_last                 ? 
_citation.title                     'DNA 8mer containing two 2SeT modifications' 
_citation.year                      ? 
_citation.database_id_CSD           ? 
_citation.pdbx_database_id_DOI      ? 
_citation.pdbx_database_id_PubMed   ? 
_citation.unpublished_flag          ? 
# 
loop_
_citation_author.citation_id 
_citation_author.name 
_citation_author.ordinal 
_citation_author.identifier_ORCID 
primary 'Zhang, W.' 1 ? 
primary 'Huang, Z.' 2 ? 
# 
_cell.angle_alpha                  90.00 
_cell.angle_alpha_esd              ? 
_cell.angle_beta                   90.00 
_cell.angle_beta_esd               ? 
_cell.angle_gamma                  120.00 
_cell.angle_gamma_esd              ? 
_cell.entry_id                     5TGP 
_cell.details                      ? 
_cell.formula_units_Z              ? 
_cell.length_a                     44.861 
_cell.length_a_esd                 ? 
_cell.length_b                     44.861 
_cell.length_b_esd                 ? 
_cell.length_c                     41.736 
_cell.length_c_esd                 ? 
_cell.volume                       ? 
_cell.volume_esd                   ? 
_cell.Z_PDB                        12 
_cell.reciprocal_angle_alpha       ? 
_cell.reciprocal_angle_beta        ? 
_cell.reciprocal_angle_gamma       ? 
_cell.reciprocal_angle_alpha_esd   ? 
_cell.reciprocal_angle_beta_esd    ? 
_cell.reciprocal_angle_gamma_esd   ? 
_cell.reciprocal_length_a          ? 
_cell.reciprocal_length_b          ? 
_cell.reciprocal_length_c          ? 
_cell.reciprocal_length_a_esd      ? 
_cell.reciprocal_length_b_esd      ? 
_cell.reciprocal_length_c_esd      ? 
_cell.pdbx_unique_axis             ? 
# 
_symmetry.entry_id                         5TGP 
_symmetry.cell_setting                     ? 
_symmetry.Int_Tables_number                169 
_symmetry.space_group_name_Hall            ? 
_symmetry.space_group_name_H-M             'P 61' 
_symmetry.pdbx_full_space_group_name_H-M   ? 
# 
loop_
_entity.id 
_entity.type 
_entity.src_method 
_entity.pdbx_description 
_entity.formula_weight 
_entity.pdbx_number_of_molecules 
_entity.pdbx_ec 
_entity.pdbx_mutation 
_entity.pdbx_fragment 
_entity.details 
1 polymer syn 
;DNA/RNA (5'-R(*G)-D(P*(2ST))-R(P*G)-D(P*(2ST))-R(P*AP*CP*AP*C)-3')
;
2648.537 2  ? ? ? ? 
2 water   nat water                                                                18.015   25 ? ? ? ? 
# 
_entity_poly.entity_id                      1 
_entity_poly.type                           polyribonucleotide 
_entity_poly.nstd_linkage                   no 
_entity_poly.nstd_monomer                   yes 
_entity_poly.pdbx_seq_one_letter_code       'G(US3)G(US3)ACAC' 
_entity_poly.pdbx_seq_one_letter_code_can   GTGTACAC 
_entity_poly.pdbx_strand_id                 A,C 
_entity_poly.pdbx_target_identifier         ? 
# 
loop_
_entity_poly_seq.entity_id 
_entity_poly_seq.num 
_entity_poly_seq.mon_id 
_entity_poly_seq.hetero 
1 1 G   n 
1 2 US3 n 
1 3 G   n 
1 4 US3 n 
1 5 A   n 
1 6 C   n 
1 7 A   n 
1 8 C   n 
# 
_pdbx_entity_src_syn.entity_id              1 
_pdbx_entity_src_syn.pdbx_src_id            1 
_pdbx_entity_src_syn.pdbx_alt_source_flag   sample 
_pdbx_entity_src_syn.pdbx_beg_seq_num       1 
_pdbx_entity_src_syn.pdbx_end_seq_num       8 
_pdbx_entity_src_syn.organism_scientific    'synthetic construct' 
_pdbx_entity_src_syn.organism_common_name   ? 
_pdbx_entity_src_syn.ncbi_taxonomy_id       32630 
_pdbx_entity_src_syn.details                ? 
# 
_struct_ref.id                         1 
_struct_ref.db_name                    PDB 
_struct_ref.db_code                    5TGP 
_struct_ref.pdbx_db_accession          5TGP 
_struct_ref.pdbx_db_isoform            ? 
_struct_ref.entity_id                  1 
_struct_ref.pdbx_seq_one_letter_code   ? 
_struct_ref.pdbx_align_begin           1 
# 
loop_
_struct_ref_seq.align_id 
_struct_ref_seq.ref_id 
_struct_ref_seq.pdbx_PDB_id_code 
_struct_ref_seq.pdbx_strand_id 
_struct_ref_seq.seq_align_beg 
_struct_ref_seq.pdbx_seq_align_beg_ins_code 
_struct_ref_seq.seq_align_end 
_struct_ref_seq.pdbx_seq_align_end_ins_code 
_struct_ref_seq.pdbx_db_accession 
_struct_ref_seq.db_align_beg 
_struct_ref_seq.pdbx_db_align_beg_ins_code 
_struct_ref_seq.db_align_end 
_struct_ref_seq.pdbx_db_align_end_ins_code 
_struct_ref_seq.pdbx_auth_seq_align_beg 
_struct_ref_seq.pdbx_auth_seq_align_end 
1 1 5TGP A 1 ? 8 ? 5TGP 1 ? 8 ? 1 8 
2 1 5TGP C 1 ? 8 ? 5TGP 1 ? 8 ? 1 8 
# 
loop_
_chem_comp.id 
_chem_comp.type 
_chem_comp.mon_nstd_flag 
_chem_comp.name 
_chem_comp.pdbx_synonyms 
_chem_comp.formula 
_chem_comp.formula_weight 
A   'RNA linking' y "ADENOSINE-5'-MONOPHOSPHATE"                                                                    ? 
'C10 H14 N5 O7 P'    347.221 
C   'RNA linking' y "CYTIDINE-5'-MONOPHOSPHATE"                                                                     ? 
'C9 H14 N3 O8 P'     323.197 
G   'RNA linking' y "GUANOSINE-5'-MONOPHOSPHATE"                                                                    ? 
'C10 H14 N5 O8 P'    363.221 
HOH non-polymer   . WATER                                                                                           ? 'H2 O' 
18.015  
US3 'DNA linking' n '1-(2-deoxy-5-O-phosphono-beta-D-erythro-pentofuranosyl)-5-methyl-2-selanylpyrimidin-4(1H)-one' 
"2-Se-Thymidine-5'-phosphate" 'C10 H15 N2 O7 P Se' 385.169 
# 
_exptl.absorpt_coefficient_mu     ? 
_exptl.absorpt_correction_T_max   ? 
_exptl.absorpt_correction_T_min   ? 
_exptl.absorpt_correction_type    ? 
_exptl.absorpt_process_details    ? 
_exptl.entry_id                   5TGP 
_exptl.crystals_number            1 
_exptl.details                    ? 
_exptl.method                     'X-RAY DIFFRACTION' 
_exptl.method_details             ? 
# 
_exptl_crystal.colour                      ? 
_exptl_crystal.density_diffrn              ? 
_exptl_crystal.density_Matthews            2.29 
_exptl_crystal.density_method              ? 
_exptl_crystal.density_percent_sol         46.26 
_exptl_crystal.description                 ? 
_exptl_crystal.F_000                       ? 
_exptl_crystal.id                          1 
_exptl_crystal.preparation                 ? 
_exptl_crystal.size_max                    ? 
_exptl_crystal.size_mid                    ? 
_exptl_crystal.size_min                    ? 
_exptl_crystal.size_rad                    ? 
_exptl_crystal.colour_lustre               ? 
_exptl_crystal.colour_modifier             ? 
_exptl_crystal.colour_primary              ? 
_exptl_crystal.density_meas                ? 
_exptl_crystal.density_meas_esd            ? 
_exptl_crystal.density_meas_gt             ? 
_exptl_crystal.density_meas_lt             ? 
_exptl_crystal.density_meas_temp           ? 
_exptl_crystal.density_meas_temp_esd       ? 
_exptl_crystal.density_meas_temp_gt        ? 
_exptl_crystal.density_meas_temp_lt        ? 
_exptl_crystal.pdbx_crystal_image_url      ? 
_exptl_crystal.pdbx_crystal_image_format   ? 
_exptl_crystal.pdbx_mosaicity              ? 
_exptl_crystal.pdbx_mosaicity_esd          ? 
# 
_exptl_crystal_grow.apparatus       ? 
_exptl_crystal_grow.atmosphere      ? 
_exptl_crystal_grow.crystal_id      1 
_exptl_crystal_grow.details         ? 
_exptl_crystal_grow.method          'VAPOR DIFFUSION, HANGING DROP' 
_exptl_crystal_grow.method_ref      ? 
_exptl_crystal_grow.pH              7.0 
_exptl_crystal_grow.pressure        ? 
_exptl_crystal_grow.pressure_esd    ? 
_exptl_crystal_grow.seeding         ? 
_exptl_crystal_grow.seeding_ref     ? 
_exptl_crystal_grow.temp            294 
_exptl_crystal_grow.temp_details    ? 
_exptl_crystal_grow.temp_esd        ? 
_exptl_crystal_grow.time            ? 
_exptl_crystal_grow.pdbx_details    
;10% v/v (+/-)-2-Methyl-2,4-pentanediol, 0.040 M Sodium cacodylate trihydrate, 0.012 M Spermine tetrahydrochloride, 0.080 M Sodium chloride, 0.020 M Magnesium chloride hexahydrate
;
_exptl_crystal_grow.pdbx_pH_range   ? 
# 
_diffrn.ambient_environment    ? 
_diffrn.ambient_temp           100 
_diffrn.ambient_temp_details   ? 
_diffrn.ambient_temp_esd       ? 
_diffrn.crystal_id             1 
_diffrn.crystal_support        ? 
_diffrn.crystal_treatment      ? 
_diffrn.details                ? 
_diffrn.id                     1 
_diffrn.ambient_pressure       ? 
_diffrn.ambient_pressure_esd   ? 
_diffrn.ambient_pressure_gt    ? 
_diffrn.ambient_pressure_lt    ? 
_diffrn.ambient_temp_gt        ? 
_diffrn.ambient_temp_lt        ? 
# 
_diffrn_detector.details                      ? 
_diffrn_detector.detector                     CCD 
_diffrn_detector.diffrn_id                    1 
_diffrn_detector.type                         'MAR CCD 130 mm' 
_diffrn_detector.area_resol_mean              ? 
_diffrn_detector.dtime                        ? 
_diffrn_detector.pdbx_frames_total            ? 
_diffrn_detector.pdbx_collection_time_total   ? 
_diffrn_detector.pdbx_collection_date         2015-10-01 
# 
_diffrn_radiation.collimation                      ? 
_diffrn_radiation.diffrn_id                        1 
_diffrn_radiation.filter_edge                      ? 
_diffrn_radiation.inhomogeneity                    ? 
_diffrn_radiation.monochromator                    ? 
_diffrn_radiation.polarisn_norm                    ? 
_diffrn_radiation.polarisn_ratio                   ? 
_diffrn_radiation.probe                            ? 
_diffrn_radiation.type                             ? 
_diffrn_radiation.xray_symbol                      ? 
_diffrn_radiation.wavelength_id                    1 
_diffrn_radiation.pdbx_monochromatic_or_laue_m_l   M 
_diffrn_radiation.pdbx_wavelength_list             ? 
_diffrn_radiation.pdbx_wavelength                  ? 
_diffrn_radiation.pdbx_diffrn_protocol             'SINGLE WAVELENGTH' 
_diffrn_radiation.pdbx_analyzer                    ? 
_diffrn_radiation.pdbx_scattering_type             x-ray 
# 
_diffrn_radiation_wavelength.id           1 
_diffrn_radiation_wavelength.wavelength   0.98 
_diffrn_radiation_wavelength.wt           1.0 
# 
_diffrn_source.current                     ? 
_diffrn_source.details                     ? 
_diffrn_source.diffrn_id                   1 
_diffrn_source.power                       ? 
_diffrn_source.size                        ? 
_diffrn_source.source                      SYNCHROTRON 
_diffrn_source.target                      ? 
_diffrn_source.type                        'ALS BEAMLINE 8.2.1' 
_diffrn_source.voltage                     ? 
_diffrn_source.take-off_angle              ? 
_diffrn_source.pdbx_wavelength_list        0.98 
_diffrn_source.pdbx_wavelength             ? 
_diffrn_source.pdbx_synchrotron_beamline   8.2.1 
_diffrn_source.pdbx_synchrotron_site       ALS 
# 
_reflns.B_iso_Wilson_estimate            ? 
_reflns.entry_id                         5TGP 
_reflns.data_reduction_details           ? 
_reflns.data_reduction_method            ? 
_reflns.d_resolution_high                1.60 
_reflns.d_resolution_low                 38.85 
_reflns.details                          ? 
_reflns.limit_h_max                      ? 
_reflns.limit_h_min                      ? 
_reflns.limit_k_max                      ? 
_reflns.limit_k_min                      ? 
_reflns.limit_l_max                      ? 
_reflns.limit_l_min                      ? 
_reflns.number_all                       ? 
_reflns.number_obs                       6189 
_reflns.observed_criterion               ? 
_reflns.observed_criterion_F_max         ? 
_reflns.observed_criterion_F_min         ? 
_reflns.observed_criterion_I_max         ? 
_reflns.observed_criterion_I_min         ? 
_reflns.observed_criterion_sigma_F       ? 
_reflns.observed_criterion_sigma_I       ? 
_reflns.percent_possible_obs             97.1 
_reflns.R_free_details                   ? 
_reflns.Rmerge_F_all                     ? 
_reflns.Rmerge_F_obs                     ? 
_reflns.Friedel_coverage                 ? 
_reflns.number_gt                        ? 
_reflns.threshold_expression             ? 
_reflns.pdbx_redundancy                  6.5 
_reflns.pdbx_Rmerge_I_obs                0.057 
_reflns.pdbx_Rmerge_I_all                ? 
_reflns.pdbx_Rsym_value                  ? 
_reflns.pdbx_netI_over_av_sigmaI         ? 
_reflns.pdbx_netI_over_sigmaI            30.9 
_reflns.pdbx_res_netI_over_av_sigmaI_2   ? 
_reflns.pdbx_res_netI_over_sigmaI_2      ? 
_reflns.pdbx_chi_squared                 ? 
_reflns.pdbx_scaling_rejects             ? 
_reflns.pdbx_d_res_high_opt              ? 
_reflns.pdbx_d_res_low_opt               ? 
_reflns.pdbx_d_res_opt_method            ? 
_reflns.phase_calculation_details        ? 
_reflns.pdbx_Rrim_I_all                  ? 
_reflns.pdbx_Rpim_I_all                  ? 
_reflns.pdbx_d_opt                       ? 
_reflns.pdbx_number_measured_all         ? 
_reflns.pdbx_diffrn_id                   1 
_reflns.pdbx_ordinal                     1 
_reflns.pdbx_CC_half                     0.788 
_reflns.pdbx_R_split                     ? 
# 
_reflns_shell.d_res_high                  1.6 
_reflns_shell.d_res_low                   1.66 
_reflns_shell.meanI_over_sigI_all         ? 
_reflns_shell.meanI_over_sigI_obs         2.13 
_reflns_shell.number_measured_all         ? 
_reflns_shell.number_measured_obs         ? 
_reflns_shell.number_possible             ? 
_reflns_shell.number_unique_all           ? 
_reflns_shell.number_unique_obs           ? 
_reflns_shell.percent_possible_all        92.7 
_reflns_shell.percent_possible_obs        ? 
_reflns_shell.Rmerge_F_all                ? 
_reflns_shell.Rmerge_F_obs                ? 
_reflns_shell.Rmerge_I_all                ? 
_reflns_shell.Rmerge_I_obs                0.351 
_reflns_shell.meanI_over_sigI_gt          ? 
_reflns_shell.meanI_over_uI_all           ? 
_reflns_shell.meanI_over_uI_gt            ? 
_reflns_shell.number_measured_gt          ? 
_reflns_shell.number_unique_gt            ? 
_reflns_shell.percent_possible_gt         ? 
_reflns_shell.Rmerge_F_gt                 ? 
_reflns_shell.Rmerge_I_gt                 ? 
_reflns_shell.pdbx_redundancy             2.6 
_reflns_shell.pdbx_Rsym_value             ? 
_reflns_shell.pdbx_chi_squared            ? 
_reflns_shell.pdbx_netI_over_sigmaI_all   ? 
_reflns_shell.pdbx_netI_over_sigmaI_obs   ? 
_reflns_shell.pdbx_Rrim_I_all             ? 
_reflns_shell.pdbx_Rpim_I_all             ? 
_reflns_shell.pdbx_rejects                ? 
_reflns_shell.pdbx_ordinal                1 
_reflns_shell.pdbx_diffrn_id              1 
_reflns_shell.pdbx_CC_half                ? 
_reflns_shell.pdbx_R_split                ? 
# 
_refine.aniso_B[1][1]                            0.00 
_refine.aniso_B[1][2]                            0.00 
_refine.aniso_B[1][3]                            0.00 
_refine.aniso_B[2][2]                            0.00 
_refine.aniso_B[2][3]                            0.00 
_refine.aniso_B[3][3]                            -0.01 
_refine.B_iso_max                                ? 
_refine.B_iso_mean                               24.167 
_refine.B_iso_min                                ? 
_refine.correlation_coeff_Fo_to_Fc               0.969 
_refine.correlation_coeff_Fo_to_Fc_free          0.954 
_refine.details                                  'HYDROGENS HAVE BEEN ADDED IN THE RIDING POSITIONS' 
_refine.diff_density_max                         ? 
_refine.diff_density_max_esd                     ? 
_refine.diff_density_min                         ? 
_refine.diff_density_min_esd                     ? 
_refine.diff_density_rms                         ? 
_refine.diff_density_rms_esd                     ? 
_refine.entry_id                                 5TGP 
_refine.pdbx_refine_id                           'X-RAY DIFFRACTION' 
_refine.ls_abs_structure_details                 ? 
_refine.ls_abs_structure_Flack                   ? 
_refine.ls_abs_structure_Flack_esd               ? 
_refine.ls_abs_structure_Rogers                  ? 
_refine.ls_abs_structure_Rogers_esd              ? 
_refine.ls_d_res_high                            1.60 
_refine.ls_d_res_low                             38.85 
_refine.ls_extinction_coef                       ? 
_refine.ls_extinction_coef_esd                   ? 
_refine.ls_extinction_expression                 ? 
_refine.ls_extinction_method                     ? 
_refine.ls_goodness_of_fit_all                   ? 
_refine.ls_goodness_of_fit_all_esd               ? 
_refine.ls_goodness_of_fit_obs                   ? 
_refine.ls_goodness_of_fit_obs_esd               ? 
_refine.ls_hydrogen_treatment                    ? 
_refine.ls_matrix_type                           ? 
_refine.ls_number_constraints                    ? 
_refine.ls_number_parameters                     ? 
_refine.ls_number_reflns_all                     ? 
_refine.ls_number_reflns_obs                     5882 
_refine.ls_number_reflns_R_free                  307 
_refine.ls_number_reflns_R_work                  ? 
_refine.ls_number_restraints                     ? 
_refine.ls_percent_reflns_obs                    97.36 
_refine.ls_percent_reflns_R_free                 5.0 
_refine.ls_R_factor_all                          ? 
_refine.ls_R_factor_obs                          0.18948 
_refine.ls_R_factor_R_free                       0.20811 
_refine.ls_R_factor_R_free_error                 ? 
_refine.ls_R_factor_R_free_error_details         ? 
_refine.ls_R_factor_R_work                       0.18848 
_refine.ls_R_Fsqd_factor_obs                     ? 
_refine.ls_R_I_factor_obs                        ? 
_refine.ls_redundancy_reflns_all                 ? 
_refine.ls_redundancy_reflns_obs                 ? 
_refine.ls_restrained_S_all                      ? 
_refine.ls_restrained_S_obs                      ? 
_refine.ls_shift_over_esd_max                    ? 
_refine.ls_shift_over_esd_mean                   ? 
_refine.ls_structure_factor_coef                 ? 
_refine.ls_weighting_details                     ? 
_refine.ls_weighting_scheme                      ? 
_refine.ls_wR_factor_all                         ? 
_refine.ls_wR_factor_obs                         ? 
_refine.ls_wR_factor_R_free                      ? 
_refine.ls_wR_factor_R_work                      ? 
_refine.occupancy_max                            ? 
_refine.occupancy_min                            ? 
_refine.solvent_model_details                    ? 
_refine.solvent_model_param_bsol                 ? 
_refine.solvent_model_param_ksol                 ? 
_refine.ls_R_factor_gt                           ? 
_refine.ls_goodness_of_fit_gt                    ? 
_refine.ls_goodness_of_fit_ref                   ? 
_refine.ls_shift_over_su_max                     ? 
_refine.ls_shift_over_su_max_lt                  ? 
_refine.ls_shift_over_su_mean                    ? 
_refine.ls_shift_over_su_mean_lt                 ? 
_refine.pdbx_ls_sigma_I                          ? 
_refine.pdbx_ls_sigma_F                          ? 
_refine.pdbx_ls_sigma_Fsqd                       ? 
_refine.pdbx_data_cutoff_high_absF               ? 
_refine.pdbx_data_cutoff_high_rms_absF           ? 
_refine.pdbx_data_cutoff_low_absF                ? 
_refine.pdbx_isotropic_thermal_model             ? 
_refine.pdbx_ls_cross_valid_method               THROUGHOUT 
_refine.pdbx_method_to_determine_struct          'MOLECULAR REPLACEMENT' 
_refine.pdbx_starting_model                      1dns 
_refine.pdbx_stereochemistry_target_values       ? 
_refine.pdbx_R_Free_selection_details            RANDOM 
_refine.pdbx_stereochem_target_val_spec_case     ? 
_refine.pdbx_overall_ESU_R                       0.086 
_refine.pdbx_overall_ESU_R_Free                  0.083 
_refine.pdbx_solvent_vdw_probe_radii             1.20 
_refine.pdbx_solvent_ion_probe_radii             0.80 
_refine.pdbx_solvent_shrinkage_radii             0.80 
_refine.pdbx_real_space_R                        ? 
_refine.pdbx_density_correlation                 ? 
_refine.pdbx_pd_number_of_powder_patterns        ? 
_refine.pdbx_pd_number_of_points                 ? 
_refine.pdbx_pd_meas_number_of_points            ? 
_refine.pdbx_pd_proc_ls_prof_R_factor            ? 
_refine.pdbx_pd_proc_ls_prof_wR_factor           ? 
_refine.pdbx_pd_Marquardt_correlation_coeff      ? 
_refine.pdbx_pd_Fsqrd_R_factor                   ? 
_refine.pdbx_pd_ls_matrix_band_width             ? 
_refine.pdbx_overall_phase_error                 ? 
_refine.pdbx_overall_SU_R_free_Cruickshank_DPI   ? 
_refine.pdbx_overall_SU_R_free_Blow_DPI          ? 
_refine.pdbx_overall_SU_R_Blow_DPI               ? 
_refine.pdbx_TLS_residual_ADP_flag               ? 
_refine.pdbx_diffrn_id                           1 
_refine.overall_SU_B                             1.930 
_refine.overall_SU_ML                            0.065 
_refine.overall_SU_R_Cruickshank_DPI             ? 
_refine.overall_SU_R_free                        ? 
_refine.overall_FOM_free_R_set                   ? 
_refine.overall_FOM_work_R_set                   ? 
_refine.pdbx_average_fsc_overall                 ? 
_refine.pdbx_average_fsc_work                    ? 
_refine.pdbx_average_fsc_free                    ? 
# 
_refine_hist.pdbx_refine_id                   'X-RAY DIFFRACTION' 
_refine_hist.cycle_id                         1 
_refine_hist.pdbx_number_atoms_protein        0 
_refine_hist.pdbx_number_atoms_nucleic_acid   322 
_refine_hist.pdbx_number_atoms_ligand         0 
_refine_hist.number_atoms_solvent             25 
_refine_hist.number_atoms_total               347 
_refine_hist.d_res_high                       1.60 
_refine_hist.d_res_low                        38.85 
# 
loop_
_refine_ls_restr.pdbx_refine_id 
_refine_ls_restr.criterion 
_refine_ls_restr.dev_ideal 
_refine_ls_restr.dev_ideal_target 
_refine_ls_restr.number 
_refine_ls_restr.rejects 
_refine_ls_restr.type 
_refine_ls_restr.weight 
_refine_ls_restr.pdbx_restraint_function 
'X-RAY DIFFRACTION' ? 0.026 0.013  352 ? r_bond_refined_d             ? ? 
'X-RAY DIFFRACTION' ? 0.002 0.020  174 ? r_bond_other_d               ? ? 
'X-RAY DIFFRACTION' ? 3.505 1.576  520 ? r_angle_refined_deg          ? ? 
'X-RAY DIFFRACTION' ? 2.950 3.000  406 ? r_angle_other_deg            ? ? 
'X-RAY DIFFRACTION' ? ?     ?      ?   ? r_dihedral_angle_1_deg       ? ? 
'X-RAY DIFFRACTION' ? ?     ?      ?   ? r_dihedral_angle_2_deg       ? ? 
'X-RAY DIFFRACTION' ? ?     ?      ?   ? r_dihedral_angle_3_deg       ? ? 
'X-RAY DIFFRACTION' ? ?     ?      ?   ? r_dihedral_angle_4_deg       ? ? 
'X-RAY DIFFRACTION' ? 0.623 0.200  56  ? r_chiral_restr               ? ? 
'X-RAY DIFFRACTION' ? 0.024 0.020  184 ? r_gen_planes_refined         ? ? 
'X-RAY DIFFRACTION' ? 0.003 0.020  76  ? r_gen_planes_other           ? ? 
'X-RAY DIFFRACTION' ? ?     ?      ?   ? r_nbd_refined                ? ? 
'X-RAY DIFFRACTION' ? ?     ?      ?   ? r_nbd_other                  ? ? 
'X-RAY DIFFRACTION' ? ?     ?      ?   ? r_nbtor_refined              ? ? 
'X-RAY DIFFRACTION' ? ?     ?      ?   ? r_nbtor_other                ? ? 
'X-RAY DIFFRACTION' ? ?     ?      ?   ? r_xyhbond_nbd_refined        ? ? 
'X-RAY DIFFRACTION' ? ?     ?      ?   ? r_xyhbond_nbd_other          ? ? 
'X-RAY DIFFRACTION' ? ?     ?      ?   ? r_metal_ion_refined          ? ? 
'X-RAY DIFFRACTION' ? ?     ?      ?   ? r_metal_ion_other            ? ? 
'X-RAY DIFFRACTION' ? ?     ?      ?   ? r_symmetry_vdw_refined       ? ? 
'X-RAY DIFFRACTION' ? ?     ?      ?   ? r_symmetry_vdw_other         ? ? 
'X-RAY DIFFRACTION' ? ?     ?      ?   ? r_symmetry_hbond_refined     ? ? 
'X-RAY DIFFRACTION' ? ?     ?      ?   ? r_symmetry_hbond_other       ? ? 
'X-RAY DIFFRACTION' ? ?     ?      ?   ? r_symmetry_metal_ion_refined ? ? 
'X-RAY DIFFRACTION' ? ?     ?      ?   ? r_symmetry_metal_ion_other   ? ? 
'X-RAY DIFFRACTION' ? ?     ?      ?   ? r_mcbond_it                  ? ? 
'X-RAY DIFFRACTION' ? ?     ?      ?   ? r_mcbond_other               ? ? 
'X-RAY DIFFRACTION' ? ?     ?      ?   ? r_mcangle_it                 ? ? 
'X-RAY DIFFRACTION' ? ?     ?      ?   ? r_mcangle_other              ? ? 
'X-RAY DIFFRACTION' ? 2.165 2.527  352 ? r_scbond_it                  ? ? 
'X-RAY DIFFRACTION' ? 2.167 2.527  351 ? r_scbond_other               ? ? 
'X-RAY DIFFRACTION' ? ?     ?      ?   ? r_scangle_it                 ? ? 
'X-RAY DIFFRACTION' ? 2.944 3.780  520 ? r_scangle_other              ? ? 
'X-RAY DIFFRACTION' ? 3.603 25.908 527 ? r_long_range_B_refined       ? ? 
'X-RAY DIFFRACTION' ? 3.530 25.822 516 ? r_long_range_B_other         ? ? 
'X-RAY DIFFRACTION' ? ?     ?      ?   ? r_rigid_bond_restr           ? ? 
'X-RAY DIFFRACTION' ? ?     ?      ?   ? r_sphericity_free            ? ? 
'X-RAY DIFFRACTION' ? ?     ?      ?   ? r_sphericity_bonded          ? ? 
# 
_refine_ls_shell.pdbx_refine_id                   'X-RAY DIFFRACTION' 
_refine_ls_shell.d_res_high                       1.601 
_refine_ls_shell.d_res_low                        1.643 
_refine_ls_shell.number_reflns_all                ? 
_refine_ls_shell.number_reflns_obs                ? 
_refine_ls_shell.number_reflns_R_free             19 
_refine_ls_shell.number_reflns_R_work             381 
_refine_ls_shell.percent_reflns_obs               89.89 
_refine_ls_shell.percent_reflns_R_free            ? 
_refine_ls_shell.R_factor_all                     ? 
_refine_ls_shell.R_factor_obs                     ? 
_refine_ls_shell.R_factor_R_free                  0.292 
_refine_ls_shell.R_factor_R_free_error            ? 
_refine_ls_shell.R_factor_R_work                  0.254 
_refine_ls_shell.redundancy_reflns_all            ? 
_refine_ls_shell.redundancy_reflns_obs            ? 
_refine_ls_shell.wR_factor_all                    ? 
_refine_ls_shell.wR_factor_obs                    ? 
_refine_ls_shell.wR_factor_R_free                 ? 
_refine_ls_shell.wR_factor_R_work                 ? 
_refine_ls_shell.pdbx_total_number_of_bins_used   20 
_refine_ls_shell.pdbx_phase_error                 ? 
_refine_ls_shell.pdbx_fsc_work                    ? 
_refine_ls_shell.pdbx_fsc_free                    ? 
# 
_struct.entry_id                     5TGP 
_struct.title                        'DNA 8mer containing two 2SeT modifications' 
_struct.pdbx_model_details           ? 
_struct.pdbx_formula_weight          ? 
_struct.pdbx_formula_weight_method   ? 
_struct.pdbx_model_type_details      ? 
_struct.pdbx_CASP_flag               N 
# 
_struct_keywords.entry_id        5TGP 
_struct_keywords.text            'DNA, selenium, modification' 
_struct_keywords.pdbx_keywords   DNA 
# 
loop_
_struct_asym.id 
_struct_asym.pdbx_blank_PDB_chainid_flag 
_struct_asym.pdbx_modified 
_struct_asym.entity_id 
_struct_asym.details 
A N N 1 ? 
B N N 1 ? 
C N N 2 ? 
D N N 2 ? 
# 
loop_
_struct_conn.id 
_struct_conn.conn_type_id 
_struct_conn.pdbx_leaving_atom_flag 
_struct_conn.pdbx_PDB_id 
_struct_conn.ptnr1_label_asym_id 
_struct_conn.ptnr1_label_comp_id 
_struct_conn.ptnr1_label_seq_id 
_struct_conn.ptnr1_label_atom_id 
_struct_conn.pdbx_ptnr1_label_alt_id 
_struct_conn.pdbx_ptnr1_PDB_ins_code 
_struct_conn.pdbx_ptnr1_standard_comp_id 
_struct_conn.ptnr1_symmetry 
_struct_conn.ptnr2_label_asym_id 
_struct_conn.ptnr2_label_comp_id 
_struct_conn.ptnr2_label_seq_id 
_struct_conn.ptnr2_label_atom_id 
_struct_conn.pdbx_ptnr2_label_alt_id 
_struct_conn.pdbx_ptnr2_PDB_ins_code 
_struct_conn.ptnr1_auth_asym_id 
_struct_conn.ptnr1_auth_comp_id 
_struct_conn.ptnr1_auth_seq_id 
_struct_conn.ptnr2_auth_asym_id 
_struct_conn.ptnr2_auth_comp_id 
_struct_conn.ptnr2_auth_seq_id 
_struct_conn.ptnr2_symmetry 
_struct_conn.pdbx_ptnr3_label_atom_id 
_struct_conn.pdbx_ptnr3_label_seq_id 
_struct_conn.pdbx_ptnr3_label_comp_id 
_struct_conn.pdbx_ptnr3_label_asym_id 
_struct_conn.pdbx_ptnr3_label_alt_id 
_struct_conn.pdbx_ptnr3_PDB_ins_code 
_struct_conn.details 
_struct_conn.pdbx_dist_value 
_struct_conn.pdbx_value_order 
_struct_conn.pdbx_role 
covale1  covale both ? A G   1 "O3'" ? ? ? 1_555 A US3 2 P  ? ? A G   1 A US3 2 1_555 ? ? ? ? ? ? ?            1.547 ? ? 
covale2  covale one  ? A US3 2 "O3'" ? ? ? 1_555 A G   3 P  ? ? A US3 2 A G   3 1_555 ? ? ? ? ? ? ?            1.702 ? ? 
covale3  covale both ? A G   3 "O3'" ? ? ? 1_555 A US3 4 P  ? ? A G   3 A US3 4 1_555 ? ? ? ? ? ? ?            1.589 ? ? 
covale4  covale one  ? A US3 4 "O3'" ? ? ? 1_555 A A   5 P  ? ? A US3 4 A A   5 1_555 ? ? ? ? ? ? ?            1.681 ? ? 
covale5  covale both ? B G   1 "O3'" ? ? ? 1_555 B US3 2 P  ? ? C G   1 C US3 2 1_555 ? ? ? ? ? ? ?            1.675 ? ? 
covale6  covale one  ? B US3 2 "O3'" ? ? ? 1_555 B G   3 P  ? ? C US3 2 C G   3 1_555 ? ? ? ? ? ? ?            1.638 ? ? 
covale7  covale both ? B G   3 "O3'" ? ? ? 1_555 B US3 4 P  ? ? C G   3 C US3 4 1_555 ? ? ? ? ? ? ?            1.446 ? ? 
covale8  covale one  ? B US3 4 "O3'" ? ? ? 1_555 B A   5 P  ? ? C US3 4 C A   5 1_555 ? ? ? ? ? ? ?            1.595 ? ? 
hydrog1  hydrog ?    ? A G   1 N1    ? ? ? 1_555 B C   8 N3 ? ? A G   1 C C   8 1_555 ? ? ? ? ? ? WATSON-CRICK ?     ? ? 
hydrog2  hydrog ?    ? A G   1 N2    ? ? ? 1_555 B C   8 O2 ? ? A G   1 C C   8 1_555 ? ? ? ? ? ? WATSON-CRICK ?     ? ? 
hydrog3  hydrog ?    ? A G   1 O6    ? ? ? 1_555 B C   8 N4 ? ? A G   1 C C   8 1_555 ? ? ? ? ? ? WATSON-CRICK ?     ? ? 
hydrog4  hydrog ?    ? A US3 2 N3    ? ? ? 1_555 B A   7 N1 ? ? A US3 2 C A   7 1_555 ? ? ? ? ? ? WATSON-CRICK ?     ? ? 
hydrog5  hydrog ?    ? A US3 2 O4    ? ? ? 1_555 B A   7 N6 ? ? A US3 2 C A   7 1_555 ? ? ? ? ? ? WATSON-CRICK ?     ? ? 
hydrog6  hydrog ?    ? A G   3 N1    ? ? ? 1_555 B C   6 N3 ? ? A G   3 C C   6 1_555 ? ? ? ? ? ? WATSON-CRICK ?     ? ? 
hydrog7  hydrog ?    ? A G   3 N2    ? ? ? 1_555 B C   6 O2 ? ? A G   3 C C   6 1_555 ? ? ? ? ? ? WATSON-CRICK ?     ? ? 
hydrog8  hydrog ?    ? A G   3 O6    ? ? ? 1_555 B C   6 N4 ? ? A G   3 C C   6 1_555 ? ? ? ? ? ? WATSON-CRICK ?     ? ? 
hydrog9  hydrog ?    ? A US3 4 N3    ? ? ? 1_555 B A   5 N1 ? ? A US3 4 C A   5 1_555 ? ? ? ? ? ? WATSON-CRICK ?     ? ? 
hydrog10 hydrog ?    ? A US3 4 O4    ? ? ? 1_555 B A   5 N6 ? ? A US3 4 C A   5 1_555 ? ? ? ? ? ? WATSON-CRICK ?     ? ? 
hydrog11 hydrog ?    ? A A   5 N1    ? ? ? 1_555 B US3 4 N3 ? ? A A   5 C US3 4 1_555 ? ? ? ? ? ? WATSON-CRICK ?     ? ? 
hydrog12 hydrog ?    ? A A   5 N6    ? ? ? 1_555 B US3 4 O4 ? ? A A   5 C US3 4 1_555 ? ? ? ? ? ? WATSON-CRICK ?     ? ? 
hydrog13 hydrog ?    ? A C   6 N3    ? ? ? 1_555 B G   3 N1 ? ? A C   6 C G   3 1_555 ? ? ? ? ? ? WATSON-CRICK ?     ? ? 
hydrog14 hydrog ?    ? A C   6 N4    ? ? ? 1_555 B G   3 O6 ? ? A C   6 C G   3 1_555 ? ? ? ? ? ? WATSON-CRICK ?     ? ? 
hydrog15 hydrog ?    ? A C   6 O2    ? ? ? 1_555 B G   3 N2 ? ? A C   6 C G   3 1_555 ? ? ? ? ? ? WATSON-CRICK ?     ? ? 
hydrog16 hydrog ?    ? A A   7 N1    ? ? ? 1_555 B US3 2 N3 ? ? A A   7 C US3 2 1_555 ? ? ? ? ? ? WATSON-CRICK ?     ? ? 
hydrog17 hydrog ?    ? A A   7 N6    ? ? ? 1_555 B US3 2 O4 ? ? A A   7 C US3 2 1_555 ? ? ? ? ? ? WATSON-CRICK ?     ? ? 
hydrog18 hydrog ?    ? A C   8 N3    ? ? ? 1_555 B G   1 N1 ? ? A C   8 C G   1 1_555 ? ? ? ? ? ? WATSON-CRICK ?     ? ? 
hydrog19 hydrog ?    ? A C   8 N4    ? ? ? 1_555 B G   1 O6 ? ? A C   8 C G   1 1_555 ? ? ? ? ? ? WATSON-CRICK ?     ? ? 
hydrog20 hydrog ?    ? A C   8 O2    ? ? ? 1_555 B G   1 N2 ? ? A C   8 C G   1 1_555 ? ? ? ? ? ? WATSON-CRICK ?     ? ? 
# 
loop_
_struct_conn_type.id 
_struct_conn_type.criteria 
_struct_conn_type.reference 
covale ? ? 
hydrog ? ? 
# 
_atom_sites.entry_id                    5TGP 
_atom_sites.fract_transf_matrix[1][1]   -0.00746711 
_atom_sites.fract_transf_matrix[1][2]   -0.00827581 
_atom_sites.fract_transf_matrix[1][3]   0.02320084 
_atom_sites.fract_transf_matrix[2][1]   -0.01429756 
_atom_sites.fract_transf_matrix[2][2]   -0.02130279 
_atom_sites.fract_transf_matrix[2][3]   0.00207814 
_atom_sites.fract_transf_matrix[3][1]   0.01992083 
_atom_sites.fract_transf_matrix[3][2]   -0.01320406 
_atom_sites.fract_transf_matrix[3][3]   0.00170153 
_atom_sites.fract_transf_vector[1]      0.432843 
_atom_sites.fract_transf_vector[2]      -0.044110 
_atom_sites.fract_transf_vector[3]      -0.127042 
# 
loop_
_atom_type.symbol 
C  
N  
O  
P  
SE 
# 
loop_
_atom_site.group_PDB 
_atom_site.id 
_atom_site.type_symbol 
_atom_site.label_atom_id 
_atom_site.label_alt_id 
_atom_site.label_comp_id 
_atom_site.label_asym_id 
_atom_site.label_entity_id 
_atom_site.label_seq_id 
_atom_site.pdbx_PDB_ins_code 
_atom_site.Cartn_x 
_atom_site.Cartn_y 
_atom_site.Cartn_z 
_atom_site.occupancy 
_atom_site.B_iso_or_equiv 
_atom_site.pdbx_formal_charge 
_atom_site.auth_seq_id 
_atom_site.auth_comp_id 
_atom_site.auth_asym_id 
_atom_site.auth_atom_id 
_atom_site.pdbx_PDB_model_num 
ATOM   1   O  "O5'" . G   A 1 1 ? 9.995  7.152   -6.531 1.00 44.97 ? 1   G   A "O5'" 1 
ATOM   2   C  "C5'" . G   A 1 1 ? 10.078 7.540   -5.154 1.00 34.07 ? 1   G   A "C5'" 1 
ATOM   3   C  "C4'" . G   A 1 1 ? 9.304  8.827   -4.883 1.00 29.30 ? 1   G   A "C4'" 1 
ATOM   4   O  "O4'" . G   A 1 1 ? 8.629  9.319   -6.080 1.00 28.68 ? 1   G   A "O4'" 1 
ATOM   5   C  "C3'" . G   A 1 1 ? 8.184  8.664   -3.881 1.00 24.57 ? 1   G   A "C3'" 1 
ATOM   6   O  "O3'" . G   A 1 1 ? 8.571  8.417   -2.519 1.00 27.75 ? 1   G   A "O3'" 1 
ATOM   7   C  "C2'" . G   A 1 1 ? 7.326  9.897   -4.203 1.00 24.59 ? 1   G   A "C2'" 1 
ATOM   8   C  "C1'" . G   A 1 1 ? 7.339  9.826   -5.736 1.00 24.59 ? 1   G   A "C1'" 1 
ATOM   9   N  N9    . G   A 1 1 ? 6.305  8.928   -6.251 1.00 25.14 ? 1   G   A N9    1 
ATOM   10  C  C8    . G   A 1 1 ? 6.493  7.721   -6.881 1.00 25.52 ? 1   G   A C8    1 
ATOM   11  N  N7    . G   A 1 1 ? 5.374  7.124   -7.198 1.00 22.18 ? 1   G   A N7    1 
ATOM   12  C  C5    . G   A 1 1 ? 4.384  7.989   -6.743 1.00 23.20 ? 1   G   A C5    1 
ATOM   13  C  C6    . G   A 1 1 ? 2.956  7.853   -6.741 1.00 23.02 ? 1   G   A C6    1 
ATOM   14  O  O6    . G   A 1 1 ? 2.259  6.941   -7.211 1.00 23.54 ? 1   G   A O6    1 
ATOM   15  N  N1    . G   A 1 1 ? 2.339  8.981   -6.207 1.00 21.88 ? 1   G   A N1    1 
ATOM   16  C  C2    . G   A 1 1 ? 2.993  10.054  -5.684 1.00 20.78 ? 1   G   A C2    1 
ATOM   17  N  N2    . G   A 1 1 ? 2.210  11.023  -5.191 1.00 22.94 ? 1   G   A N2    1 
ATOM   18  N  N3    . G   A 1 1 ? 4.313  10.182  -5.639 1.00 24.35 ? 1   G   A N3    1 
ATOM   19  C  C4    . G   A 1 1 ? 4.942  9.101   -6.148 1.00 24.98 ? 1   G   A C4    1 
HETATM 20  P  P     . US3 A 1 2 ? 7.824  7.877   -1.276 1.00 28.34 ? 2   US3 A P     1 
HETATM 21  N  N1    . US3 A 1 2 ? 2.794  9.159   -2.404 1.00 23.93 ? 2   US3 A N1    1 
HETATM 22  C  C2    . US3 A 1 2 ? 1.400  8.831   -2.594 1.00 23.25 ? 2   US3 A C2    1 
HETATM 23  SE SE2   . US3 A 1 2 ? 0.144  9.902   -2.131 1.00 26.33 ? 2   US3 A SE2   1 
HETATM 24  N  N3    . US3 A 1 2 ? 1.253  7.611   -3.213 1.00 23.08 ? 2   US3 A N3    1 
HETATM 25  C  C4    . US3 A 1 2 ? 2.150  6.697   -3.584 1.00 23.56 ? 2   US3 A C4    1 
HETATM 26  O  O4    . US3 A 1 2 ? 1.850  5.615   -4.147 1.00 24.45 ? 2   US3 A O4    1 
HETATM 27  C  C5    . US3 A 1 2 ? 3.566  6.973   -3.354 1.00 24.69 ? 2   US3 A C5    1 
HETATM 28  C  C6    . US3 A 1 2 ? 3.766  8.149   -2.707 1.00 22.97 ? 2   US3 A C6    1 
HETATM 29  C  "C1'" . US3 A 1 2 ? 3.168  10.284  -1.535 1.00 23.24 ? 2   US3 A "C1'" 1 
HETATM 30  C  "C2'" . US3 A 1 2 ? 2.968  9.996   -0.085 1.00 22.57 ? 2   US3 A "C2'" 1 
HETATM 31  O  OP2   . US3 A 1 2 ? 7.546  6.531   -2.132 1.00 32.68 ? 2   US3 A OP2   1 
HETATM 32  C  "C3'" . US3 A 1 2 ? 4.381  9.648   0.388  1.00 25.01 ? 2   US3 A "C3'" 1 
HETATM 33  O  "O3'" . US3 A 1 2 ? 4.473  9.992   1.775  1.00 27.43 ? 2   US3 A "O3'" 1 
HETATM 34  C  "C4'" . US3 A 1 2 ? 5.168  10.588  -0.443 1.00 26.27 ? 2   US3 A "C4'" 1 
HETATM 35  O  "O4'" . US3 A 1 2 ? 4.552  10.560  -1.776 1.00 23.72 ? 2   US3 A "O4'" 1 
HETATM 36  C  "C5'" . US3 A 1 2 ? 6.578  10.119  -0.459 1.00 25.70 ? 2   US3 A "C5'" 1 
HETATM 37  O  "O5'" . US3 A 1 2 ? 6.530  8.868   -1.109 1.00 26.30 ? 2   US3 A "O5'" 1 
HETATM 38  C  C5A   . US3 A 1 2 ? 4.660  5.996   -3.730 1.00 26.22 ? 2   US3 A C5A   1 
HETATM 39  O  OP1   . US3 A 1 2 ? 9.024  8.065   -0.208 1.00 31.59 ? 2   US3 A OP1   1 
ATOM   40  P  P     . G   A 1 3 ? 4.257  8.586   2.710  1.00 33.35 ? 3   G   A P     1 
ATOM   41  O  OP1   . G   A 1 3 ? 4.647  9.278   3.971  1.00 30.24 ? 3   G   A OP1   1 
ATOM   42  O  OP2   . G   A 1 3 ? 4.737  7.302   2.292  1.00 29.02 ? 3   G   A OP2   1 
ATOM   43  O  "O5'" . G   A 1 3 ? 2.665  8.517   2.797  1.00 27.40 ? 3   G   A "O5'" 1 
ATOM   44  C  "C5'" . G   A 1 3 ? 1.857  9.511   3.418  1.00 29.45 ? 3   G   A "C5'" 1 
ATOM   45  C  "C4'" . G   A 1 3 ? 0.425  9.303   3.023  1.00 27.04 ? 3   G   A "C4'" 1 
ATOM   46  O  "O4'" . G   A 1 3 ? 0.340  9.150   1.585  1.00 24.46 ? 3   G   A "O4'" 1 
ATOM   47  C  "C3'" . G   A 1 3 ? -0.223 8.023   3.525  1.00 24.39 ? 3   G   A "C3'" 1 
ATOM   48  O  "O3'" . G   A 1 3 ? -0.491 8.131   4.916  1.00 24.78 ? 3   G   A "O3'" 1 
ATOM   49  C  "C2'" . G   A 1 3 ? -1.428 7.923   2.596  1.00 23.69 ? 3   G   A "C2'" 1 
ATOM   50  C  "C1'" . G   A 1 3 ? -0.776 8.306   1.262  1.00 24.91 ? 3   G   A "C1'" 1 
ATOM   51  N  N9    . G   A 1 3 ? -0.305 7.166   0.475  1.00 20.47 ? 3   G   A N9    1 
ATOM   52  C  C8    . G   A 1 3 ? 0.991  6.762   0.252  1.00 22.12 ? 3   G   A C8    1 
ATOM   53  N  N7    . G   A 1 3 ? 1.076  5.742   -0.550 1.00 21.87 ? 3   G   A N7    1 
ATOM   54  C  C5    . G   A 1 3 ? -0.244 5.432   -0.847 1.00 22.81 ? 3   G   A C5    1 
ATOM   55  C  C6    . G   A 1 3 ? -0.785 4.410   -1.681 1.00 22.91 ? 3   G   A C6    1 
ATOM   56  O  O6    . G   A 1 3 ? -0.172 3.527   -2.322 1.00 22.97 ? 3   G   A O6    1 
ATOM   57  N  N1    . G   A 1 3 ? -2.173 4.464   -1.717 1.00 21.67 ? 3   G   A N1    1 
ATOM   58  C  C2    . G   A 1 3 ? -2.945 5.393   -1.060 1.00 20.75 ? 3   G   A C2    1 
ATOM   59  N  N2    . G   A 1 3 ? -4.269 5.280   -1.220 1.00 21.16 ? 3   G   A N2    1 
ATOM   60  N  N3    . G   A 1 3 ? -2.449 6.355   -0.284 1.00 19.50 ? 3   G   A N3    1 
ATOM   61  C  C4    . G   A 1 3 ? -1.104 6.308   -0.226 1.00 19.99 ? 3   G   A C4    1 
HETATM 62  P  P     . US3 A 1 4 ? -0.831 6.947   5.921  1.00 25.40 ? 4   US3 A P     1 
HETATM 63  N  N1    . US3 A 1 4 ? -3.951 4.094   2.440  1.00 20.32 ? 4   US3 A N1    1 
HETATM 64  C  C2    . US3 A 1 4 ? -4.255 3.002   1.590  1.00 18.88 ? 4   US3 A C2    1 
HETATM 65  SE SE2   . US3 A 1 4 ? -5.874 2.677   1.232  1.00 24.18 ? 4   US3 A SE2   1 
HETATM 66  N  N3    . US3 A 1 4 ? -3.197 2.437   0.939  1.00 19.57 ? 4   US3 A N3    1 
HETATM 67  C  C4    . US3 A 1 4 ? -1.908 2.694   1.198  1.00 19.39 ? 4   US3 A C4    1 
HETATM 68  O  O4    . US3 A 1 4 ? -0.972 2.100   0.655  1.00 20.33 ? 4   US3 A O4    1 
HETATM 69  C  C5    . US3 A 1 4 ? -1.566 3.735   2.233  1.00 18.66 ? 4   US3 A C5    1 
HETATM 70  C  C6    . US3 A 1 4 ? -2.615 4.363   2.845  1.00 18.72 ? 4   US3 A C6    1 
HETATM 71  C  "C1'" . US3 A 1 4 ? -5.013 4.839   3.160  1.00 19.38 ? 4   US3 A "C1'" 1 
HETATM 72  C  "C2'" . US3 A 1 4 ? -5.487 4.155   4.388  1.00 20.22 ? 4   US3 A "C2'" 1 
HETATM 73  O  OP2   . US3 A 1 4 ? 0.270  5.884   5.622  1.00 24.72 ? 4   US3 A OP2   1 
HETATM 74  C  "C3'" . US3 A 1 4 ? -4.678 4.785   5.499  1.00 23.53 ? 4   US3 A "C3'" 1 
HETATM 75  O  "O3'" . US3 A 1 4 ? -5.294 4.675   6.829  1.00 27.50 ? 4   US3 A "O3'" 1 
HETATM 76  C  "C4'" . US3 A 1 4 ? -4.590 6.221   5.010  1.00 23.18 ? 4   US3 A "C4'" 1 
HETATM 77  O  "O4'" . US3 A 1 4 ? -4.463 6.120   3.550  1.00 21.41 ? 4   US3 A "O4'" 1 
HETATM 78  C  "C5'" . US3 A 1 4 ? -3.508 7.062   5.661  1.00 24.35 ? 4   US3 A "C5'" 1 
HETATM 79  O  "O5'" . US3 A 1 4 ? -2.317 6.373   5.402  1.00 23.65 ? 4   US3 A "O5'" 1 
HETATM 80  C  C5A   . US3 A 1 4 ? -0.103 4.045   2.534  1.00 20.26 ? 4   US3 A C5A   1 
HETATM 81  O  OP1   . US3 A 1 4 ? -0.982 7.847   7.249  1.00 30.44 ? 4   US3 A OP1   1 
ATOM   82  P  P     . A   A 1 5 ? -4.738 3.342   7.689  1.00 27.72 ? 5   A   A P     1 
ATOM   83  O  OP1   . A   A 1 5 ? -5.408 3.664   8.945  1.00 29.82 ? 5   A   A OP1   1 
ATOM   84  O  OP2   . A   A 1 5 ? -3.262 3.016   7.602  1.00 28.28 ? 5   A   A OP2   1 
ATOM   85  O  "O5'" . A   A 1 5 ? -5.399 2.044   7.052  1.00 25.75 ? 5   A   A "O5'" 1 
ATOM   86  C  "C5'" . A   A 1 5 ? -6.812 1.882   6.986  1.00 24.85 ? 5   A   A "C5'" 1 
ATOM   87  C  "C4'" . A   A 1 5 ? -7.159 0.745   6.070  1.00 24.18 ? 5   A   A "C4'" 1 
ATOM   88  O  "O4'" . A   A 1 5 ? -6.724 1.051   4.719  1.00 23.19 ? 5   A   A "O4'" 1 
ATOM   89  C  "C3'" . A   A 1 5 ? -6.548 -0.613  6.357  1.00 24.21 ? 5   A   A "C3'" 1 
ATOM   90  O  "O3'" . A   A 1 5 ? -7.242 -1.313  7.390  1.00 25.61 ? 5   A   A "O3'" 1 
ATOM   91  C  "C2'" . A   A 1 5 ? -6.705 -1.309  5.010  1.00 21.68 ? 5   A   A "C2'" 1 
ATOM   92  C  "C1'" . A   A 1 5 ? -6.396 -0.166  4.062  1.00 20.28 ? 5   A   A "C1'" 1 
ATOM   93  N  N9    . A   A 1 5 ? -4.978 -0.130  3.712  1.00 19.29 ? 5   A   A N9    1 
ATOM   94  C  C8    . A   A 1 5 ? -3.980 0.651   4.236  1.00 20.63 ? 5   A   A C8    1 
ATOM   95  N  N7    . A   A 1 5 ? -2.798 0.397   3.741  1.00 21.02 ? 5   A   A N7    1 
ATOM   96  C  C5    . A   A 1 5 ? -3.049 -0.558  2.768  1.00 20.28 ? 5   A   A C5    1 
ATOM   97  C  C6    . A   A 1 5 ? -2.209 -1.230  1.874  1.00 18.94 ? 5   A   A C6    1 
ATOM   98  N  N6    . A   A 1 5 ? -0.909 -0.980  1.778  1.00 20.75 ? 5   A   A N6    1 
ATOM   99  N  N1    . A   A 1 5 ? -2.760 -2.178  1.081  1.00 18.84 ? 5   A   A N1    1 
ATOM   100 C  C2    . A   A 1 5 ? -4.060 -2.415  1.186  1.00 19.78 ? 5   A   A C2    1 
ATOM   101 N  N3    . A   A 1 5 ? -4.953 -1.853  1.996  1.00 20.29 ? 5   A   A N3    1 
ATOM   102 C  C4    . A   A 1 5 ? -4.370 -0.946  2.791  1.00 19.75 ? 5   A   A C4    1 
ATOM   103 P  P     . C   A 1 6 ? -6.447 -2.332  8.370  1.00 27.78 ? 6   C   A P     1 
ATOM   104 O  OP1   . C   A 1 6 ? -7.395 -2.717  9.428  1.00 32.84 ? 6   C   A OP1   1 
ATOM   105 O  OP2   . C   A 1 6 ? -5.135 -1.777  8.702  1.00 27.19 ? 6   C   A OP2   1 
ATOM   106 O  "O5'" . C   A 1 6 ? -6.298 -3.629  7.474  1.00 28.80 ? 6   C   A "O5'" 1 
ATOM   107 C  "C5'" . C   A 1 6 ? -7.422 -4.220  6.807  1.00 28.21 ? 6   C   A "C5'" 1 
ATOM   108 C  "C4'" . C   A 1 6 ? -6.996 -5.246  5.770  1.00 27.84 ? 6   C   A "C4'" 1 
ATOM   109 O  "O4'" . C   A 1 6 ? -6.357 -4.577  4.642  1.00 27.77 ? 6   C   A "O4'" 1 
ATOM   110 C  "C3'" . C   A 1 6 ? -5.986 -6.282  6.211  1.00 32.66 ? 6   C   A "C3'" 1 
ATOM   111 O  "O3'" . C   A 1 6 ? -6.581 -7.424  6.855  1.00 37.57 ? 6   C   A "O3'" 1 
ATOM   112 C  "C2'" . C   A 1 6 ? -5.365 -6.704  4.891  1.00 26.52 ? 6   C   A "C2'" 1 
ATOM   113 C  "C1'" . C   A 1 6 ? -5.287 -5.380  4.155  1.00 26.98 ? 6   C   A "C1'" 1 
ATOM   114 N  N1    . C   A 1 6 ? -4.010 -4.681  4.365  1.00 23.02 ? 6   C   A N1    1 
ATOM   115 C  C2    . C   A 1 6 ? -2.955 -5.027  3.537  1.00 22.20 ? 6   C   A C2    1 
ATOM   116 O  O2    . C   A 1 6 ? -3.121 -5.961  2.742  1.00 23.26 ? 6   C   A O2    1 
ATOM   117 N  N3    . C   A 1 6 ? -1.772 -4.390  3.670  1.00 22.47 ? 6   C   A N3    1 
ATOM   118 C  C4    . C   A 1 6 ? -1.636 -3.416  4.570  1.00 21.85 ? 6   C   A C4    1 
ATOM   119 N  N4    . C   A 1 6 ? -0.482 -2.755  4.619  1.00 22.58 ? 6   C   A N4    1 
ATOM   120 C  C5    . C   A 1 6 ? -2.706 -3.025  5.413  1.00 21.28 ? 6   C   A C5    1 
ATOM   121 C  C6    . C   A 1 6 ? -3.874 -3.661  5.261  1.00 23.29 ? 6   C   A C6    1 
ATOM   122 P  P     . A   A 1 7 ? -5.772 -8.194  8.024  1.00 37.37 ? 7   A   A P     1 
ATOM   123 O  OP1   . A   A 1 7 ? -6.720 -9.067  8.695  1.00 40.39 ? 7   A   A OP1   1 
ATOM   124 O  OP2   . A   A 1 7 ? -4.847 -7.261  8.712  1.00 36.13 ? 7   A   A OP2   1 
ATOM   125 O  "O5'" . A   A 1 7 ? -4.624 -9.006  7.269  1.00 31.92 ? 7   A   A "O5'" 1 
ATOM   126 C  "C5'" . A   A 1 7 ? -4.944 -10.118 6.452  1.00 30.49 ? 7   A   A "C5'" 1 
ATOM   127 C  "C4'" . A   A 1 7 ? -3.783 -10.443 5.540  1.00 28.47 ? 7   A   A "C4'" 1 
ATOM   128 O  "O4'" . A   A 1 7 ? -3.414 -9.286  4.739  1.00 31.33 ? 7   A   A "O4'" 1 
ATOM   129 C  "C3'" . A   A 1 7 ? -2.472 -10.883 6.177  1.00 28.57 ? 7   A   A "C3'" 1 
ATOM   130 O  "O3'" . A   A 1 7 ? -2.652 -12.280 6.417  1.00 24.70 ? 7   A   A "O3'" 1 
ATOM   131 C  "C2'" . A   A 1 7 ? -1.479 -10.638 5.047  1.00 28.06 ? 7   A   A "C2'" 1 
ATOM   132 C  "C1'" . A   A 1 7 ? -2.026 -9.351  4.449  1.00 28.55 ? 7   A   A "C1'" 1 
ATOM   133 N  N9    . A   A 1 7 ? -1.365 -8.183  5.023  1.00 28.12 ? 7   A   A N9    1 
ATOM   134 C  C8    . A   A 1 7 ? -1.765 -7.238  5.930  1.00 28.62 ? 7   A   A C8    1 
ATOM   135 N  N7    . A   A 1 7 ? -0.861 -6.313  6.165  1.00 25.93 ? 7   A   A N7    1 
ATOM   136 C  C5    . A   A 1 7 ? 0.203  -6.681  5.358  1.00 23.98 ? 7   A   A C5    1 
ATOM   137 C  C6    . A   A 1 7 ? 1.458  -6.100  5.119  1.00 23.78 ? 7   A   A C6    1 
ATOM   138 N  N6    . A   A 1 7 ? 1.889  -4.998  5.728  1.00 25.05 ? 7   A   A N6    1 
ATOM   139 N  N1    . A   A 1 7 ? 2.300  -6.750  4.297  1.00 26.33 ? 7   A   A N1    1 
ATOM   140 C  C2    . A   A 1 7 ? 1.883  -7.874  3.699  1.00 26.98 ? 7   A   A C2    1 
ATOM   141 N  N3    . A   A 1 7 ? 0.730  -8.513  3.834  1.00 29.17 ? 7   A   A N3    1 
ATOM   142 C  C4    . A   A 1 7 ? -0.083 -7.845  4.668  1.00 28.54 ? 7   A   A C4    1 
ATOM   143 P  P     . C   A 1 8 ? -1.621 -13.061 7.315  1.00 32.31 ? 8   C   A P     1 
ATOM   144 O  OP1   . C   A 1 8 ? -1.948 -14.477 7.215  1.00 30.42 ? 8   C   A OP1   1 
ATOM   145 O  OP2   . C   A 1 8 ? -1.399 -12.318 8.518  1.00 30.08 ? 8   C   A OP2   1 
ATOM   146 O  "O5'" . C   A 1 8 ? -0.302 -13.077 6.422  1.00 27.18 ? 8   C   A "O5'" 1 
ATOM   147 C  "C5'" . C   A 1 8 ? 0.921  -13.578 6.953  1.00 26.06 ? 8   C   A "C5'" 1 
ATOM   148 C  "C4'" . C   A 1 8 ? 1.916  -13.605 5.852  1.00 24.98 ? 8   C   A "C4'" 1 
ATOM   149 O  "O4'" . C   A 1 8 ? 2.040  -12.239 5.369  1.00 22.66 ? 8   C   A "O4'" 1 
ATOM   150 C  "C3'" . C   A 1 8 ? 3.321  -14.054 6.254  1.00 25.41 ? 8   C   A "C3'" 1 
ATOM   151 O  "O3'" . C   A 1 8 ? 4.036  -14.740 5.186  1.00 26.24 ? 8   C   A "O3'" 1 
ATOM   152 C  "C2'" . C   A 1 8 ? 3.963  -12.737 6.668  1.00 23.81 ? 8   C   A "C2'" 1 
ATOM   153 C  "C1'" . C   A 1 8 ? 3.314  -11.744 5.704  1.00 23.60 ? 8   C   A "C1'" 1 
ATOM   154 N  N1    . C   A 1 8 ? 3.155  -10.412 6.306  1.00 25.30 ? 8   C   A N1    1 
ATOM   155 C  C2    . C   A 1 8 ? 4.298  -9.611  6.389  1.00 24.76 ? 8   C   A C2    1 
ATOM   156 O  O2    . C   A 1 8 ? 5.362  -10.046 5.925  1.00 26.72 ? 8   C   A O2    1 
ATOM   157 N  N3    . C   A 1 8 ? 4.209  -8.385  6.963  1.00 23.68 ? 8   C   A N3    1 
ATOM   158 C  C4    . C   A 1 8 ? 3.053  -7.977  7.485  1.00 23.19 ? 8   C   A C4    1 
ATOM   159 N  N4    . C   A 1 8 ? 3.024  -6.774  8.070  1.00 24.71 ? 8   C   A N4    1 
ATOM   160 C  C5    . C   A 1 8 ? 1.889  -8.803  7.481  1.00 23.28 ? 8   C   A C5    1 
ATOM   161 C  C6    . C   A 1 8 ? 1.978  -9.996  6.870  1.00 23.79 ? 8   C   A C6    1 
ATOM   162 O  "O5'" . G   B 1 1 ? 11.045 -0.707  6.548  1.00 34.92 ? 1   G   C "O5'" 1 
ATOM   163 C  "C5'" . G   B 1 1 ? 12.369 -1.324  6.558  1.00 33.49 ? 1   G   C "C5'" 1 
ATOM   164 C  "C4'" . G   B 1 1 ? 12.353 -2.797  6.144  1.00 29.43 ? 1   G   C "C4'" 1 
ATOM   165 O  "O4'" . G   B 1 1 ? 11.952 -3.603  7.273  1.00 31.78 ? 1   G   C "O4'" 1 
ATOM   166 C  "C3'" . G   B 1 1 ? 11.450 -3.255  5.004  1.00 27.48 ? 1   G   C "C3'" 1 
ATOM   167 O  "O3'" . G   B 1 1 ? 12.055 -3.058  3.729  1.00 26.34 ? 1   G   C "O3'" 1 
ATOM   168 C  "C2'" . G   B 1 1 ? 11.217 -4.731  5.311  1.00 27.52 ? 1   G   C "C2'" 1 
ATOM   169 C  "C1'" . G   B 1 1 ? 11.166 -4.699  6.831  1.00 30.53 ? 1   G   C "C1'" 1 
ATOM   170 N  N9    . G   B 1 1 ? 9.789  -4.503  7.280  1.00 30.59 ? 1   G   C N9    1 
ATOM   171 C  C8    . G   B 1 1 ? 9.229  -3.436  7.955  1.00 33.35 ? 1   G   C C8    1 
ATOM   172 N  N7    . G   B 1 1 ? 7.955  -3.595  8.193  1.00 29.11 ? 1   G   C N7    1 
ATOM   173 C  C5    . G   B 1 1 ? 7.656  -4.839  7.645  1.00 29.69 ? 1   G   C C5    1 
ATOM   174 C  C6    . G   B 1 1 ? 6.449  -5.557  7.622  1.00 28.48 ? 1   G   C C6    1 
ATOM   175 O  O6    . G   B 1 1 ? 5.341  -5.216  8.067  1.00 29.01 ? 1   G   C O6    1 
ATOM   176 N  N1    . G   B 1 1 ? 6.594  -6.785  6.974  1.00 28.00 ? 1   G   C N1    1 
ATOM   177 C  C2    . G   B 1 1 ? 7.756  -7.250  6.409  1.00 27.45 ? 1   G   C C2    1 
ATOM   178 N  N2    . G   B 1 1 ? 7.707  -8.467  5.836  1.00 29.25 ? 1   G   C N2    1 
ATOM   179 N  N3    . G   B 1 1 ? 8.898  -6.591  6.441  1.00 29.11 ? 1   G   C N3    1 
ATOM   180 C  C4    . G   B 1 1 ? 8.780  -5.412  7.085  1.00 29.80 ? 1   G   C C4    1 
HETATM 181 P  P     . US3 B 1 2 ? 11.205 -2.895  2.296  1.00 30.00 ? 2   US3 C P     1 
HETATM 182 N  N1    . US3 B 1 2 ? 7.131  -6.398  3.218  1.00 27.63 ? 2   US3 C N1    1 
HETATM 183 C  C2    . US3 B 1 2 ? 5.767  -6.797  3.251  1.00 29.27 ? 2   US3 C C2    1 
HETATM 184 SE SE2   . US3 B 1 2 ? 5.259  -8.374  2.752  1.00 32.52 ? 2   US3 C SE2   1 
HETATM 185 N  N3    . US3 B 1 2 ? 4.926  -5.927  3.898  1.00 30.07 ? 2   US3 C N3    1 
HETATM 186 C  C4    . US3 B 1 2 ? 5.247  -4.707  4.353  1.00 27.08 ? 2   US3 C C4    1 
HETATM 187 O  O4    . US3 B 1 2 ? 4.422  -4.004  4.966  1.00 30.18 ? 2   US3 C O4    1 
HETATM 188 C  C5    . US3 B 1 2 ? 6.619  -4.231  4.208  1.00 22.99 ? 2   US3 C C5    1 
HETATM 189 C  C6    . US3 B 1 2 ? 7.508  -5.078  3.550  1.00 25.96 ? 2   US3 C C6    1 
HETATM 190 C  "C1'" . US3 B 1 2 ? 8.100  -7.209  2.496  1.00 27.64 ? 2   US3 C "C1'" 1 
HETATM 191 C  "C2'" . US3 B 1 2 ? 7.860  -7.215  1.012  1.00 26.55 ? 2   US3 C "C2'" 1 
HETATM 192 O  OP2   . US3 B 1 2 ? 10.131 -1.840  2.832  1.00 28.52 ? 2   US3 C OP2   1 
HETATM 193 C  "C3'" . US3 B 1 2 ? 9.050  -6.328  0.733  1.00 25.43 ? 2   US3 C "C3'" 1 
HETATM 194 O  "O3'" . US3 B 1 2 ? 9.432  -6.470  -0.568 1.00 26.13 ? 2   US3 C "O3'" 1 
HETATM 195 C  "C4'" . US3 B 1 2 ? 10.217 -6.606  1.641  1.00 28.44 ? 2   US3 C "C4'" 1 
HETATM 196 O  "O4'" . US3 B 1 2 ? 9.473  -6.746  2.876  1.00 27.90 ? 2   US3 C "O4'" 1 
HETATM 197 C  "C5'" . US3 B 1 2 ? 11.311 -5.552  1.598  1.00 29.40 ? 2   US3 C "C5'" 1 
HETATM 198 O  "O5'" . US3 B 1 2 ? 10.697 -4.485  2.276  1.00 30.30 ? 2   US3 C "O5'" 1 
HETATM 199 C  C5A   . US3 B 1 2 ? 7.020  -2.868  4.696  1.00 25.83 ? 2   US3 C C5A   1 
HETATM 200 O  OP1   . US3 B 1 2 ? 12.225 -2.745  1.110  1.00 31.39 ? 2   US3 C OP1   1 
ATOM   201 P  P     . G   B 1 3 ? 8.834  -5.911  -1.987 1.00 34.94 ? 3   G   C P     1 
ATOM   202 O  OP1   . G   B 1 3 ? 9.637  -6.189  -3.201 1.00 36.54 ? 3   G   C OP1   1 
ATOM   203 O  OP2   . G   B 1 3 ? 8.437  -4.491  -1.643 1.00 34.53 ? 3   G   C OP2   1 
ATOM   204 O  "O5'" . G   B 1 3 ? 7.527  -6.805  -1.858 1.00 36.33 ? 3   G   C "O5'" 1 
ATOM   205 C  "C5'" . G   B 1 3 ? 6.545  -6.762  -2.875 1.00 38.32 ? 3   G   C "C5'" 1 
ATOM   206 C  "C4'" . G   B 1 3 ? 5.426  -7.702  -2.547 1.00 32.59 ? 3   G   C "C4'" 1 
ATOM   207 O  "O4'" . G   B 1 3 ? 5.230  -7.758  -1.112 1.00 32.32 ? 3   G   C "O4'" 1 
ATOM   208 C  "C3'" . G   B 1 3 ? 4.135  -7.170  -3.096 1.00 28.73 ? 3   G   C "C3'" 1 
ATOM   209 O  "O3'" . G   B 1 3 ? 3.943  -7.325  -4.511 1.00 25.57 ? 3   G   C "O3'" 1 
ATOM   210 C  "C2'" . G   B 1 3 ? 3.091  -7.738  -2.144 1.00 25.00 ? 3   G   C "C2'" 1 
ATOM   211 C  "C1'" . G   B 1 3 ? 3.835  -7.704  -0.828 1.00 29.99 ? 3   G   C "C1'" 1 
ATOM   212 N  N9    . G   B 1 3 ? 3.565  -6.505  -0.049 1.00 26.21 ? 3   G   C N9    1 
ATOM   213 C  C8    . G   B 1 3 ? 4.434  -5.499  0.299  1.00 24.59 ? 3   G   C C8    1 
ATOM   214 N  N7    . G   B 1 3 ? 3.894  -4.607  1.081  1.00 26.80 ? 3   G   C N7    1 
ATOM   215 C  C5    . G   B 1 3 ? 2.593  -5.061  1.273  1.00 23.71 ? 3   G   C C5    1 
ATOM   216 C  C6    . G   B 1 3 ? 1.519  -4.475  1.979  1.00 22.12 ? 3   G   C C6    1 
ATOM   217 O  O6    . G   B 1 3 ? 1.539  -3.462  2.681  1.00 23.42 ? 3   G   C O6    1 
ATOM   218 N  N1    . G   B 1 3 ? 0.368  -5.261  1.908  1.00 21.50 ? 3   G   C N1    1 
ATOM   219 C  C2    . G   B 1 3 ? 0.249  -6.427  1.178  1.00 22.55 ? 3   G   C C2    1 
ATOM   220 N  N2    . G   B 1 3 ? -0.941 -7.063  1.224  1.00 23.11 ? 3   G   C N2    1 
ATOM   221 N  N3    . G   B 1 3 ? 1.252  -6.980  0.515  1.00 23.47 ? 3   G   C N3    1 
ATOM   222 C  C4    . G   B 1 3 ? 2.376  -6.232  0.583  1.00 25.35 ? 3   G   C C4    1 
HETATM 223 P  P     . US3 B 1 4 ? 3.271  -6.511  -5.500 1.00 34.71 ? 4   US3 C P     1 
HETATM 224 N  N1    . US3 B 1 4 ? -1.029 -5.574  -2.291 1.00 27.05 ? 4   US3 C N1    1 
HETATM 225 C  C2    . US3 B 1 4 ? -1.938 -4.826  -1.504 1.00 25.21 ? 4   US3 C C2    1 
HETATM 226 SE SE2   . US3 B 1 4 ? -3.541 -5.311  -1.205 1.00 28.20 ? 4   US3 C SE2   1 
HETATM 227 N  N3    . US3 B 1 4 ? -1.317 -3.847  -0.816 1.00 22.04 ? 4   US3 C N3    1 
HETATM 228 C  C4    . US3 B 1 4 ? -0.048 -3.377  -1.000 1.00 22.35 ? 4   US3 C C4    1 
HETATM 229 O  O4    . US3 B 1 4 ? 0.484  -2.447  -0.363 1.00 23.54 ? 4   US3 C O4    1 
HETATM 230 C  C5    . US3 B 1 4 ? 0.858  -4.077  -1.925 1.00 24.87 ? 4   US3 C C5    1 
HETATM 231 C  C6    . US3 B 1 4 ? 0.271  -5.080  -2.627 1.00 24.97 ? 4   US3 C C6    1 
HETATM 232 C  "C1'" . US3 B 1 4 ? -1.570 -6.653  -3.152 1.00 24.80 ? 4   US3 C "C1'" 1 
HETATM 233 C  "C2'" . US3 B 1 4 ? -2.296 -6.261  -4.388 1.00 25.45 ? 4   US3 C "C2'" 1 
HETATM 234 O  OP2   . US3 B 1 4 ? 3.637  -4.947  -5.310 1.00 34.33 ? 4   US3 C OP2   1 
HETATM 235 C  "C3'" . US3 B 1 4 ? -1.156 -6.356  -5.374 1.00 24.71 ? 4   US3 C "C3'" 1 
HETATM 236 O  "O3'" . US3 B 1 4 ? -1.519 -6.392  -6.738 1.00 22.07 ? 4   US3 C "O3'" 1 
HETATM 237 C  "C4'" . US3 B 1 4 ? -0.491 -7.604  -4.917 1.00 27.85 ? 4   US3 C "C4'" 1 
HETATM 238 O  "O4'" . US3 B 1 4 ? -0.410 -7.444  -3.494 1.00 28.95 ? 4   US3 C "O4'" 1 
HETATM 239 C  "C5'" . US3 B 1 4 ? 0.891  -7.782  -5.492 1.00 29.66 ? 4   US3 C "C5'" 1 
HETATM 240 O  "O5'" . US3 B 1 4 ? 1.675  -6.708  -5.009 1.00 29.09 ? 4   US3 C "O5'" 1 
HETATM 241 C  C5A   . US3 B 1 4 ? 2.250  -3.614  -2.123 1.00 23.97 ? 4   US3 C C5A   1 
HETATM 242 O  OP1   . US3 B 1 4 ? 3.930  -7.609  -6.501 1.00 38.77 ? 4   US3 C OP1   1 
ATOM   243 P  P     . A   B 1 5 ? -1.894 -5.110  -7.611 1.00 28.14 ? 5   A   C P     1 
ATOM   244 O  OP1   . A   B 1 5 ? -2.227 -5.756  -8.891 1.00 30.74 ? 5   A   C OP1   1 
ATOM   245 O  OP2   . A   B 1 5 ? -0.815 -4.159  -7.520 1.00 29.28 ? 5   A   C OP2   1 
ATOM   246 O  "O5'" . A   B 1 5 ? -3.206 -4.495  -6.964 1.00 28.03 ? 5   A   C "O5'" 1 
ATOM   247 C  "C5'" . A   B 1 5 ? -4.465 -5.166  -6.959 1.00 24.00 ? 5   A   C "C5'" 1 
ATOM   248 C  "C4'" . A   B 1 5 ? -5.478 -4.419  -6.130 1.00 24.06 ? 5   A   C "C4'" 1 
ATOM   249 O  "O4'" . A   B 1 5 ? -5.072 -4.420  -4.737 1.00 23.59 ? 5   A   C "O4'" 1 
ATOM   250 C  "C3'" . A   B 1 5 ? -5.638 -2.936  -6.426 1.00 25.90 ? 5   A   C "C3'" 1 
ATOM   251 O  "O3'" . A   B 1 5 ? -6.452 -2.764  -7.561 1.00 25.20 ? 5   A   C "O3'" 1 
ATOM   252 C  "C2'" . A   B 1 5 ? -6.298 -2.443  -5.152 1.00 26.00 ? 5   A   C "C2'" 1 
ATOM   253 C  "C1'" . A   B 1 5 ? -5.468 -3.195  -4.127 1.00 23.45 ? 5   A   C "C1'" 1 
ATOM   254 N  N9    . A   B 1 5 ? -4.264 -2.494  -3.705 1.00 21.33 ? 5   A   C N9    1 
ATOM   255 C  C8    . A   B 1 5 ? -2.976 -2.618  -4.162 1.00 21.07 ? 5   A   C C8    1 
ATOM   256 N  N7    . A   B 1 5 ? -2.113 -1.867  -3.516 1.00 21.40 ? 5   A   C N7    1 
ATOM   257 C  C5    . A   B 1 5 ? -2.888 -1.205  -2.577 1.00 19.45 ? 5   A   C C5    1 
ATOM   258 C  C6    . A   B 1 5 ? -2.584 -0.215  -1.631 1.00 19.89 ? 5   A   C C6    1 
ATOM   259 N  N6    . A   B 1 5 ? -1.347 0.268   -1.443 1.00 19.77 ? 5   A   C N6    1 
ATOM   260 N  N1    . A   B 1 5 ? -3.607 0.295   -0.899 1.00 19.36 ? 5   A   C N1    1 
ATOM   261 C  C2    . A   B 1 5 ? -4.842 -0.171  -1.113 1.00 21.81 ? 5   A   C C2    1 
ATOM   262 N  N3    . A   B 1 5 ? -5.240 -1.140  -1.930 1.00 20.56 ? 5   A   C N3    1 
ATOM   263 C  C4    . A   B 1 5 ? -4.213 -1.579  -2.682 1.00 20.01 ? 5   A   C C4    1 
ATOM   264 P  P     . C   B 1 6 ? -6.298 -1.447  -8.473 1.00 27.42 ? 6   C   C P     1 
ATOM   265 O  OP1   . C   B 1 6 ? -7.271 -1.570  -9.593 1.00 29.26 ? 6   C   C OP1   1 
ATOM   266 O  OP2   . C   B 1 6 ? -4.884 -1.226  -8.712 1.00 25.12 ? 6   C   C OP2   1 
ATOM   267 O  "O5'" . C   B 1 6 ? -6.907 -0.286  -7.587 1.00 25.06 ? 6   C   C "O5'" 1 
ATOM   268 C  "C5'" . C   B 1 6 ? -8.241 -0.205  -7.082 1.00 27.57 ? 6   C   C "C5'" 1 
ATOM   269 C  "C4'" . C   B 1 6 ? -8.325 0.891   -6.056 1.00 25.01 ? 6   C   C "C4'" 1 
ATOM   270 O  "O4'" . C   B 1 6 ? -7.472 0.584   -4.918 1.00 24.20 ? 6   C   C "O4'" 1 
ATOM   271 C  "C3'" . C   B 1 6 ? -7.832 2.268   -6.483 1.00 26.30 ? 6   C   C "C3'" 1 
ATOM   272 O  "O3'" . C   B 1 6 ? -8.830 2.857   -7.274 1.00 26.31 ? 6   C   C "O3'" 1 
ATOM   273 C  "C2'" . C   B 1 6 ? -7.623 2.948   -5.147 1.00 22.43 ? 6   C   C "C2'" 1 
ATOM   274 C  "C1'" . C   B 1 6 ? -6.993 1.812   -4.352 1.00 23.33 ? 6   C   C "C1'" 1 
ATOM   275 N  N1    . C   B 1 6 ? -5.525 1.817   -4.412 1.00 22.60 ? 6   C   C N1    1 
ATOM   276 C  C2    . C   B 1 6 ? -4.844 2.656   -3.528 1.00 20.75 ? 6   C   C C2    1 
ATOM   277 O  O2    . C   B 1 6 ? -5.496 3.364   -2.780 1.00 23.54 ? 6   C   C O2    1 
ATOM   278 N  N3    . C   B 1 6 ? -3.498 2.649   -3.512 1.00 19.66 ? 6   C   C N3    1 
ATOM   279 C  C4    . C   B 1 6 ? -2.827 1.878   -4.368 1.00 19.77 ? 6   C   C C4    1 
ATOM   280 N  N4    . C   B 1 6 ? -1.496 1.908   -4.327 1.00 21.76 ? 6   C   C N4    1 
ATOM   281 C  C5    . C   B 1 6 ? -3.496 1.038   -5.309 1.00 21.74 ? 6   C   C C5    1 
ATOM   282 C  C6    . C   B 1 6 ? -4.830 1.053   -5.309 1.00 21.31 ? 6   C   C C6    1 
ATOM   283 P  P     . A   B 1 7 ? -8.430 3.764   -8.505 1.00 29.94 ? 7   A   C P     1 
ATOM   284 O  OP1   . A   B 1 7 ? -9.669 4.087   -9.189 1.00 32.12 ? 7   A   C OP1   1 
ATOM   285 O  OP2   . A   B 1 7 ? -7.170 3.412   -9.118 1.00 30.03 ? 7   A   C OP2   1 
ATOM   286 O  "O5'" . A   B 1 7 ? -8.051 5.152   -7.798 1.00 25.77 ? 7   A   C "O5'" 1 
ATOM   287 C  "C5'" . A   B 1 7 ? -9.016 5.927   -7.130 1.00 22.40 ? 7   A   C "C5'" 1 
ATOM   288 C  "C4'" . A   B 1 7 ? -8.331 6.902   -6.200 1.00 22.44 ? 7   A   C "C4'" 1 
ATOM   289 O  "O4'" . A   B 1 7 ? -7.528 6.191   -5.227 1.00 23.01 ? 7   A   C "O4'" 1 
ATOM   290 C  "C3'" . A   B 1 7 ? -7.369 7.904   -6.828 1.00 21.59 ? 7   A   C "C3'" 1 
ATOM   291 O  "O3'" . A   B 1 7 ? -8.046 8.954   -7.490 1.00 22.58 ? 7   A   C "O3'" 1 
ATOM   292 C  "C2'" . A   B 1 7 ? -6.485 8.283   -5.642 1.00 19.78 ? 7   A   C "C2'" 1 
ATOM   293 C  "C1'" . A   B 1 7 ? -6.407 6.974   -4.874 1.00 20.25 ? 7   A   C "C1'" 1 
ATOM   294 N  N9    . A   B 1 7 ? -5.187 6.256   -5.205 1.00 20.90 ? 7   A   C N9    1 
ATOM   295 C  C8    . A   B 1 7 ? -4.941 5.226   -6.070 1.00 19.56 ? 7   A   C C8    1 
ATOM   296 N  N7    . A   B 1 7 ? -3.680 4.876   -6.128 1.00 22.04 ? 7   A   C N7    1 
ATOM   297 C  C5    . A   B 1 7 ? -3.059 5.724   -5.225 1.00 21.23 ? 7   A   C C5    1 
ATOM   298 C  C6    . A   B 1 7 ? -1.711 5.862   -4.813 1.00 21.31 ? 7   A   C C6    1 
ATOM   299 N  N6    . A   B 1 7 ? -0.720 5.091   -5.262 1.00 22.18 ? 7   A   C N6    1 
ATOM   300 N  N1    . A   B 1 7 ? -1.426 6.840   -3.928 1.00 20.08 ? 7   A   C N1    1 
ATOM   301 C  C2    . A   B 1 7 ? -2.427 7.609   -3.474 1.00 19.91 ? 7   A   C C2    1 
ATOM   302 N  N3    . A   B 1 7 ? -3.724 7.559   -3.767 1.00 20.59 ? 7   A   C N3    1 
ATOM   303 C  C4    . A   B 1 7 ? -3.973 6.584   -4.657 1.00 20.23 ? 7   A   C C4    1 
ATOM   304 P  P     . C   B 1 8 ? -7.321 9.788   -8.628 1.00 25.52 ? 8   C   C P     1 
ATOM   305 O  OP1   . C   B 1 8 ? -8.309 10.736  -9.159 1.00 27.46 ? 8   C   C OP1   1 
ATOM   306 O  OP2   . C   B 1 8 ? -6.588 8.830   -9.537 1.00 26.50 ? 8   C   C OP2   1 
ATOM   307 O  "O5'" . C   B 1 8 ? -6.223 10.633  -7.862 1.00 22.16 ? 8   C   C "O5'" 1 
ATOM   308 C  "C5'" . C   B 1 8 ? -6.554 11.728  -6.989 1.00 22.85 ? 8   C   C "C5'" 1 
ATOM   309 C  "C4'" . C   B 1 8 ? -5.297 12.355  -6.511 1.00 22.89 ? 8   C   C "C4'" 1 
ATOM   310 O  "O4'" . C   B 1 8 ? -4.553 11.374  -5.739 1.00 22.36 ? 8   C   C "O4'" 1 
ATOM   311 C  "C3'" . C   B 1 8 ? -4.317 12.817  -7.582 1.00 23.51 ? 8   C   C "C3'" 1 
ATOM   312 O  "O3'" . C   B 1 8 ? -4.599 14.160  -8.051 1.00 24.14 ? 8   C   C "O3'" 1 
ATOM   313 C  "C2'" . C   B 1 8 ? -2.976 12.772  -6.864 1.00 21.47 ? 8   C   C "C2'" 1 
ATOM   314 C  "C1'" . C   B 1 8 ? -3.171 11.625  -5.874 1.00 23.87 ? 8   C   C "C1'" 1 
ATOM   315 N  N1    . C   B 1 8 ? -2.525 10.397  -6.360 1.00 23.50 ? 8   C   C N1    1 
ATOM   316 C  C2    . C   B 1 8 ? -1.164 10.223  -6.144 1.00 23.63 ? 8   C   C C2    1 
ATOM   317 O  O2    . C   B 1 8 ? -0.531 11.105  -5.539 1.00 23.82 ? 8   C   C O2    1 
ATOM   318 N  N3    . C   B 1 8 ? -0.558 9.112   -6.620 1.00 25.25 ? 8   C   C N3    1 
ATOM   319 C  C4    . C   B 1 8 ? -1.271 8.193   -7.270 1.00 24.92 ? 8   C   C C4    1 
ATOM   320 N  N4    . C   B 1 8 ? -0.623 7.120   -7.735 1.00 23.13 ? 8   C   C N4    1 
ATOM   321 C  C5    . C   B 1 8 ? -2.650 8.379   -7.560 1.00 22.88 ? 8   C   C C5    1 
ATOM   322 C  C6    . C   B 1 8 ? -3.237 9.470   -7.073 1.00 23.34 ? 8   C   C C6    1 
HETATM 323 O  O     . HOH C 2 . ? 9.362  6.402   -8.400 1.00 38.58 ? 101 HOH A O     1 
HETATM 324 O  O     . HOH C 2 . ? 2.795  5.275   5.335  1.00 40.64 ? 102 HOH A O     1 
HETATM 325 O  O     . HOH C 2 . ? 2.219  3.010   -3.411 1.00 18.53 ? 103 HOH A O     1 
HETATM 326 O  O     . HOH C 2 . ? 6.155  -13.628 3.949  1.00 25.56 ? 104 HOH A O     1 
HETATM 327 O  O     . HOH C 2 . ? -0.464 1.142   4.893  1.00 25.56 ? 105 HOH A O     1 
HETATM 328 O  O     . HOH C 2 . ? -0.813 3.395   6.500  1.00 27.86 ? 106 HOH A O     1 
HETATM 329 O  O     . HOH C 2 . ? 1.742  1.967   0.334  1.00 27.52 ? 107 HOH A O     1 
HETATM 330 O  O     . HOH C 2 . ? 2.564  13.594  -4.180 1.00 34.81 ? 108 HOH A O     1 
HETATM 331 O  O     . HOH C 2 . ? -1.649 -15.806 9.783  1.00 29.99 ? 109 HOH A O     1 
HETATM 332 O  O     . HOH C 2 . ? 0.714  -6.102  9.744  1.00 33.00 ? 110 HOH A O     1 
HETATM 333 O  O     . HOH C 2 . ? -7.891 -2.407  1.547  1.00 31.05 ? 111 HOH A O     1 
HETATM 334 O  O     . HOH C 2 . ? 1.604  0.572   3.121  1.00 31.95 ? 112 HOH A O     1 
HETATM 335 O  O     . HOH C 2 . ? -6.286 -10.369 3.249  1.00 34.10 ? 113 HOH A O     1 
HETATM 336 O  O     . HOH D 2 . ? -0.226 13.459  -4.537 1.00 31.38 ? 101 HOH C O     1 
HETATM 337 O  O     . HOH D 2 . ? 2.495  -0.678  -0.342 1.00 31.45 ? 102 HOH C O     1 
HETATM 338 O  O     . HOH D 2 . ? -2.597 3.115   -7.842 1.00 31.13 ? 103 HOH C O     1 
HETATM 339 O  O     . HOH D 2 . ? 0.366  -1.461  -4.607 1.00 27.75 ? 104 HOH C O     1 
HETATM 340 O  O     . HOH D 2 . ? 3.259  -1.617  3.749  1.00 26.20 ? 105 HOH C O     1 
HETATM 341 O  O     . HOH D 2 . ? -6.947 14.204  -9.466 1.00 32.29 ? 106 HOH C O     1 
HETATM 342 O  O     . HOH D 2 . ? 1.545  -3.233  -5.815 1.00 31.85 ? 107 HOH C O     1 
HETATM 343 O  O     . HOH D 2 . ? -2.981 16.325  -8.877 1.00 23.36 ? 108 HOH C O     1 
HETATM 344 O  O     . HOH D 2 . ? -2.036 5.523   -9.630 1.00 34.14 ? 109 HOH C O     1 
HETATM 345 O  O     . HOH D 2 . ? -2.026 -1.509  -7.617 1.00 32.30 ? 110 HOH C O     1 
HETATM 346 O  O     . HOH D 2 . ? -4.451 1.694   -9.286 1.00 36.82 ? 111 HOH C O     1 
HETATM 347 O  O     . HOH D 2 . ? 1.671  0.420   -2.923 1.00 31.90 ? 112 HOH C O     1 
# 
loop_
_pdbx_poly_seq_scheme.asym_id 
_pdbx_poly_seq_scheme.entity_id 
_pdbx_poly_seq_scheme.seq_id 
_pdbx_poly_seq_scheme.mon_id 
_pdbx_poly_seq_scheme.ndb_seq_num 
_pdbx_poly_seq_scheme.pdb_seq_num 
_pdbx_poly_seq_scheme.auth_seq_num 
_pdbx_poly_seq_scheme.pdb_mon_id 
_pdbx_poly_seq_scheme.auth_mon_id 
_pdbx_poly_seq_scheme.pdb_strand_id 
_pdbx_poly_seq_scheme.pdb_ins_code 
_pdbx_poly_seq_scheme.hetero 
A 1 1 G   1 1 1 G   G   A . n 
A 1 2 US3 2 2 2 US3 2ST A . n 
A 1 3 G   3 3 3 G   G   A . n 
A 1 4 US3 4 4 4 US3 2ST A . n 
A 1 5 A   5 5 5 A   A   A . n 
A 1 6 C   6 6 6 C   C   A . n 
A 1 7 A   7 7 7 A   A   A . n 
A 1 8 C   8 8 8 C   C   A . n 
B 1 1 G   1 1 1 G   G   C . n 
B 1 2 US3 2 2 2 US3 2ST C . n 
B 1 3 G   3 3 3 G   G   C . n 
B 1 4 US3 4 4 4 US3 2ST C . n 
B 1 5 A   5 5 5 A   A   C . n 
B 1 6 C   6 6 6 C   C   C . n 
B 1 7 A   7 7 7 A   A   C . n 
B 1 8 C   8 8 8 C   C   C . n 
# 
loop_
_pdbx_nonpoly_scheme.asym_id 
_pdbx_nonpoly_scheme.entity_id 
_pdbx_nonpoly_scheme.mon_id 
_pdbx_nonpoly_scheme.ndb_seq_num 
_pdbx_nonpoly_scheme.pdb_seq_num 
_pdbx_nonpoly_scheme.auth_seq_num 
_pdbx_nonpoly_scheme.pdb_mon_id 
_pdbx_nonpoly_scheme.auth_mon_id 
_pdbx_nonpoly_scheme.pdb_strand_id 
_pdbx_nonpoly_scheme.pdb_ins_code 
C 2 HOH 1  101 23 HOH HOH A . 
C 2 HOH 2  102 18 HOH HOH A . 
C 2 HOH 3  103 4  HOH HOH A . 
C 2 HOH 4  104 22 HOH HOH A . 
C 2 HOH 5  105 1  HOH HOH A . 
C 2 HOH 6  106 8  HOH HOH A . 
C 2 HOH 7  107 3  HOH HOH A . 
C 2 HOH 8  108 6  HOH HOH A . 
C 2 HOH 9  109 20 HOH HOH A . 
C 2 HOH 10 110 9  HOH HOH A . 
C 2 HOH 11 111 12 HOH HOH A . 
C 2 HOH 12 112 2  HOH HOH A . 
C 2 HOH 13 113 21 HOH HOH A . 
D 2 HOH 1  101 7  HOH HOH C . 
D 2 HOH 2  102 14 HOH HOH C . 
D 2 HOH 3  103 17 HOH HOH C . 
D 2 HOH 4  104 5  HOH HOH C . 
D 2 HOH 5  105 13 HOH HOH C . 
D 2 HOH 6  106 10 HOH HOH C . 
D 2 HOH 7  107 25 HOH HOH C . 
D 2 HOH 8  108 11 HOH HOH C . 
D 2 HOH 9  109 16 HOH HOH C . 
D 2 HOH 10 110 24 HOH HOH C . 
D 2 HOH 11 111 26 HOH HOH C . 
D 2 HOH 12 112 15 HOH HOH C . 
# 
_pdbx_struct_assembly.id                   1 
_pdbx_struct_assembly.details              author_and_software_defined_assembly 
_pdbx_struct_assembly.method_details       PISA 
_pdbx_struct_assembly.oligomeric_details   dimeric 
_pdbx_struct_assembly.oligomeric_count     2 
# 
_pdbx_struct_assembly_gen.assembly_id       1 
_pdbx_struct_assembly_gen.oper_expression   1 
_pdbx_struct_assembly_gen.asym_id_list      A,B,C,D 
# 
loop_
_pdbx_struct_assembly_prop.biol_id 
_pdbx_struct_assembly_prop.type 
_pdbx_struct_assembly_prop.value 
_pdbx_struct_assembly_prop.details 
1 'ABSA (A^2)' 780  ? 
1 MORE         -0   ? 
1 'SSA (A^2)'  3080 ? 
# 
_pdbx_struct_oper_list.id                   1 
_pdbx_struct_oper_list.type                 'identity operation' 
_pdbx_struct_oper_list.name                 1_555 
_pdbx_struct_oper_list.symmetry_operation   x,y,z 
_pdbx_struct_oper_list.matrix[1][1]         1.0000000000 
_pdbx_struct_oper_list.matrix[1][2]         0.0000000000 
_pdbx_struct_oper_list.matrix[1][3]         0.0000000000 
_pdbx_struct_oper_list.vector[1]            0.0000000000 
_pdbx_struct_oper_list.matrix[2][1]         0.0000000000 
_pdbx_struct_oper_list.matrix[2][2]         1.0000000000 
_pdbx_struct_oper_list.matrix[2][3]         0.0000000000 
_pdbx_struct_oper_list.vector[2]            0.0000000000 
_pdbx_struct_oper_list.matrix[3][1]         0.0000000000 
_pdbx_struct_oper_list.matrix[3][2]         0.0000000000 
_pdbx_struct_oper_list.matrix[3][3]         1.0000000000 
_pdbx_struct_oper_list.vector[3]            0.0000000000 
# 
loop_
_pdbx_audit_revision_history.ordinal 
_pdbx_audit_revision_history.data_content_type 
_pdbx_audit_revision_history.major_revision 
_pdbx_audit_revision_history.minor_revision 
_pdbx_audit_revision_history.revision_date 
1 'Structure model' 1 0 2017-10-18 
2 'Structure model' 1 1 2023-10-04 
# 
_pdbx_audit_revision_details.ordinal             1 
_pdbx_audit_revision_details.revision_ordinal    1 
_pdbx_audit_revision_details.data_content_type   'Structure model' 
_pdbx_audit_revision_details.provider            repository 
_pdbx_audit_revision_details.type                'Initial release' 
_pdbx_audit_revision_details.description         ? 
_pdbx_audit_revision_details.details             ? 
# 
loop_
_pdbx_audit_revision_group.ordinal 
_pdbx_audit_revision_group.revision_ordinal 
_pdbx_audit_revision_group.data_content_type 
_pdbx_audit_revision_group.group 
1 2 'Structure model' 'Data collection'        
2 2 'Structure model' 'Database references'    
3 2 'Structure model' 'Refinement description' 
# 
loop_
_pdbx_audit_revision_category.ordinal 
_pdbx_audit_revision_category.revision_ordinal 
_pdbx_audit_revision_category.data_content_type 
_pdbx_audit_revision_category.category 
1 2 'Structure model' chem_comp_atom                
2 2 'Structure model' chem_comp_bond                
3 2 'Structure model' database_2                    
4 2 'Structure model' pdbx_initial_refinement_model 
# 
loop_
_pdbx_audit_revision_item.ordinal 
_pdbx_audit_revision_item.revision_ordinal 
_pdbx_audit_revision_item.data_content_type 
_pdbx_audit_revision_item.item 
1 2 'Structure model' '_database_2.pdbx_DOI'                
2 2 'Structure model' '_database_2.pdbx_database_accession' 
# 
loop_
_software.citation_id 
_software.classification 
_software.compiler_name 
_software.compiler_version 
_software.contact_author 
_software.contact_author_email 
_software.date 
_software.description 
_software.dependencies 
_software.hardware 
_software.language 
_software.location 
_software.mods 
_software.name 
_software.os 
_software.os_version 
_software.type 
_software.version 
_software.pdbx_ordinal 
? refinement       ? ? ? ? ? ? ? ? ? ? ? REFMAC   ? ? ? 5.8.0069 1 
? 'data reduction' ? ? ? ? ? ? ? ? ? ? ? HKL-2000 ? ? ? 1.0      2 
? 'data scaling'   ? ? ? ? ? ? ? ? ? ? ? HKL-2000 ? ? ? 1.0      3 
? phasing          ? ? ? ? ? ? ? ? ? ? ? PHASER   ? ? ? 1.0      4 
# 
_pdbx_validate_close_contact.id               1 
_pdbx_validate_close_contact.PDB_model_num    1 
_pdbx_validate_close_contact.auth_atom_id_1   "O5'" 
_pdbx_validate_close_contact.auth_asym_id_1   A 
_pdbx_validate_close_contact.auth_comp_id_1   G 
_pdbx_validate_close_contact.auth_seq_id_1    1 
_pdbx_validate_close_contact.PDB_ins_code_1   ? 
_pdbx_validate_close_contact.label_alt_id_1   ? 
_pdbx_validate_close_contact.auth_atom_id_2   O 
_pdbx_validate_close_contact.auth_asym_id_2   A 
_pdbx_validate_close_contact.auth_comp_id_2   HOH 
_pdbx_validate_close_contact.auth_seq_id_2    101 
_pdbx_validate_close_contact.PDB_ins_code_2   ? 
_pdbx_validate_close_contact.label_alt_id_2   ? 
_pdbx_validate_close_contact.dist             2.11 
# 
loop_
_pdbx_validate_rmsd_bond.id 
_pdbx_validate_rmsd_bond.PDB_model_num 
_pdbx_validate_rmsd_bond.auth_atom_id_1 
_pdbx_validate_rmsd_bond.auth_asym_id_1 
_pdbx_validate_rmsd_bond.auth_comp_id_1 
_pdbx_validate_rmsd_bond.auth_seq_id_1 
_pdbx_validate_rmsd_bond.PDB_ins_code_1 
_pdbx_validate_rmsd_bond.label_alt_id_1 
_pdbx_validate_rmsd_bond.auth_atom_id_2 
_pdbx_validate_rmsd_bond.auth_asym_id_2 
_pdbx_validate_rmsd_bond.auth_comp_id_2 
_pdbx_validate_rmsd_bond.auth_seq_id_2 
_pdbx_validate_rmsd_bond.PDB_ins_code_2 
_pdbx_validate_rmsd_bond.label_alt_id_2 
_pdbx_validate_rmsd_bond.bond_value 
_pdbx_validate_rmsd_bond.bond_target_value 
_pdbx_validate_rmsd_bond.bond_deviation 
_pdbx_validate_rmsd_bond.bond_standard_deviation 
_pdbx_validate_rmsd_bond.linker_flag 
1 1 "O3'" A US3 2 ? ? P A G   3 ? ? 1.702 1.607 0.095  0.012 Y 
2 1 "O3'" A US3 4 ? ? P A A   5 ? ? 1.681 1.607 0.074  0.012 Y 
3 1 "O3'" C G   3 ? ? P C US3 4 ? ? 1.446 1.607 -0.161 0.012 Y 
# 
loop_
_pdbx_validate_rmsd_angle.id 
_pdbx_validate_rmsd_angle.PDB_model_num 
_pdbx_validate_rmsd_angle.auth_atom_id_1 
_pdbx_validate_rmsd_angle.auth_asym_id_1 
_pdbx_validate_rmsd_angle.auth_comp_id_1 
_pdbx_validate_rmsd_angle.auth_seq_id_1 
_pdbx_validate_rmsd_angle.PDB_ins_code_1 
_pdbx_validate_rmsd_angle.label_alt_id_1 
_pdbx_validate_rmsd_angle.auth_atom_id_2 
_pdbx_validate_rmsd_angle.auth_asym_id_2 
_pdbx_validate_rmsd_angle.auth_comp_id_2 
_pdbx_validate_rmsd_angle.auth_seq_id_2 
_pdbx_validate_rmsd_angle.PDB_ins_code_2 
_pdbx_validate_rmsd_angle.label_alt_id_2 
_pdbx_validate_rmsd_angle.auth_atom_id_3 
_pdbx_validate_rmsd_angle.auth_asym_id_3 
_pdbx_validate_rmsd_angle.auth_comp_id_3 
_pdbx_validate_rmsd_angle.auth_seq_id_3 
_pdbx_validate_rmsd_angle.PDB_ins_code_3 
_pdbx_validate_rmsd_angle.label_alt_id_3 
_pdbx_validate_rmsd_angle.angle_value 
_pdbx_validate_rmsd_angle.angle_target_value 
_pdbx_validate_rmsd_angle.angle_deviation 
_pdbx_validate_rmsd_angle.angle_standard_deviation 
_pdbx_validate_rmsd_angle.linker_flag 
1  1 "C3'" A G   1 ? ? "O3'" A G   1 ? ? P     A US3 2 ? ? 133.73 119.70 14.03  1.20 Y 
2  1 "O3'" A G   1 ? ? P     A US3 2 ? ? OP2   A US3 2 ? ? 87.06  105.20 -18.14 2.20 Y 
3  1 "C3'" A US3 2 ? ? "O3'" A US3 2 ? ? P     A G   3 ? ? 109.02 119.70 -10.68 1.20 Y 
4  1 "O3'" A US3 2 ? ? P     A G   3 ? ? OP2   A G   3 ? ? 122.47 110.50 11.97  1.10 Y 
5  1 "C3'" A G   3 ? ? "O3'" A G   3 ? ? P     A US3 4 ? ? 127.10 119.70 7.40   1.20 Y 
6  1 "O3'" A US3 4 ? ? P     A A   5 ? ? OP2   A A   5 ? ? 117.63 110.50 7.13   1.10 Y 
7  1 "O5'" A A   7 ? ? P     A A   7 ? ? OP2   A A   7 ? ? 95.20  105.70 -10.50 0.90 N 
8  1 "O5'" A C   8 ? ? P     A C   8 ? ? OP1   A C   8 ? ? 97.93  105.70 -7.77  0.90 N 
9  1 "C3'" C US3 2 ? ? "O3'" C US3 2 ? ? P     C G   3 ? ? 133.50 119.70 13.80  1.20 Y 
10 1 "O3'" C US3 2 ? ? P     C G   3 ? ? "O5'" C G   3 ? ? 92.20  104.00 -11.80 1.90 Y 
11 1 "C3'" C G   3 ? ? "O3'" C G   3 ? ? P     C US3 4 ? ? 132.49 119.70 12.79  1.20 Y 
12 1 "O3'" C G   3 ? ? P     C US3 4 ? ? OP1   C US3 4 ? ? 81.52  105.20 -23.68 2.20 Y 
# 
loop_
_pdbx_unobs_or_zero_occ_atoms.id 
_pdbx_unobs_or_zero_occ_atoms.PDB_model_num 
_pdbx_unobs_or_zero_occ_atoms.polymer_flag 
_pdbx_unobs_or_zero_occ_atoms.occupancy_flag 
_pdbx_unobs_or_zero_occ_atoms.auth_asym_id 
_pdbx_unobs_or_zero_occ_atoms.auth_comp_id 
_pdbx_unobs_or_zero_occ_atoms.auth_seq_id 
_pdbx_unobs_or_zero_occ_atoms.PDB_ins_code 
_pdbx_unobs_or_zero_occ_atoms.auth_atom_id 
_pdbx_unobs_or_zero_occ_atoms.label_alt_id 
_pdbx_unobs_or_zero_occ_atoms.label_asym_id 
_pdbx_unobs_or_zero_occ_atoms.label_comp_id 
_pdbx_unobs_or_zero_occ_atoms.label_seq_id 
_pdbx_unobs_or_zero_occ_atoms.label_atom_id 
1  1 Y 1 A G 1 ? "O2'" ? A G 1 "O2'" 
2  1 Y 1 A G 3 ? "O2'" ? A G 3 "O2'" 
3  1 Y 1 A A 5 ? "O2'" ? A A 5 "O2'" 
4  1 Y 1 A C 6 ? "O2'" ? A C 6 "O2'" 
5  1 Y 1 A A 7 ? "O2'" ? A A 7 "O2'" 
6  1 Y 1 A C 8 ? "O2'" ? A C 8 "O2'" 
7  1 Y 1 C G 1 ? "O2'" ? B G 1 "O2'" 
8  1 Y 1 C G 3 ? "O2'" ? B G 3 "O2'" 
9  1 Y 1 C A 5 ? "O2'" ? B A 5 "O2'" 
10 1 Y 1 C C 6 ? "O2'" ? B C 6 "O2'" 
11 1 Y 1 C A 7 ? "O2'" ? B A 7 "O2'" 
12 1 Y 1 C C 8 ? "O2'" ? B C 8 "O2'" 
# 
loop_
_chem_comp_atom.comp_id 
_chem_comp_atom.atom_id 
_chem_comp_atom.type_symbol 
_chem_comp_atom.pdbx_aromatic_flag 
_chem_comp_atom.pdbx_stereo_config 
_chem_comp_atom.pdbx_ordinal 
A   OP3    O  N N 1   
A   P      P  N N 2   
A   OP1    O  N N 3   
A   OP2    O  N N 4   
A   "O5'"  O  N N 5   
A   "C5'"  C  N N 6   
A   "C4'"  C  N R 7   
A   "O4'"  O  N N 8   
A   "C3'"  C  N S 9   
A   "O3'"  O  N N 10  
A   "C2'"  C  N R 11  
A   "O2'"  O  N N 12  
A   "C1'"  C  N R 13  
A   N9     N  Y N 14  
A   C8     C  Y N 15  
A   N7     N  Y N 16  
A   C5     C  Y N 17  
A   C6     C  Y N 18  
A   N6     N  N N 19  
A   N1     N  Y N 20  
A   C2     C  Y N 21  
A   N3     N  Y N 22  
A   C4     C  Y N 23  
A   HOP3   H  N N 24  
A   HOP2   H  N N 25  
A   "H5'"  H  N N 26  
A   "H5''" H  N N 27  
A   "H4'"  H  N N 28  
A   "H3'"  H  N N 29  
A   "HO3'" H  N N 30  
A   "H2'"  H  N N 31  
A   "HO2'" H  N N 32  
A   "H1'"  H  N N 33  
A   H8     H  N N 34  
A   H61    H  N N 35  
A   H62    H  N N 36  
A   H2     H  N N 37  
C   OP3    O  N N 38  
C   P      P  N N 39  
C   OP1    O  N N 40  
C   OP2    O  N N 41  
C   "O5'"  O  N N 42  
C   "C5'"  C  N N 43  
C   "C4'"  C  N R 44  
C   "O4'"  O  N N 45  
C   "C3'"  C  N S 46  
C   "O3'"  O  N N 47  
C   "C2'"  C  N R 48  
C   "O2'"  O  N N 49  
C   "C1'"  C  N R 50  
C   N1     N  N N 51  
C   C2     C  N N 52  
C   O2     O  N N 53  
C   N3     N  N N 54  
C   C4     C  N N 55  
C   N4     N  N N 56  
C   C5     C  N N 57  
C   C6     C  N N 58  
C   HOP3   H  N N 59  
C   HOP2   H  N N 60  
C   "H5'"  H  N N 61  
C   "H5''" H  N N 62  
C   "H4'"  H  N N 63  
C   "H3'"  H  N N 64  
C   "HO3'" H  N N 65  
C   "H2'"  H  N N 66  
C   "HO2'" H  N N 67  
C   "H1'"  H  N N 68  
C   H41    H  N N 69  
C   H42    H  N N 70  
C   H5     H  N N 71  
C   H6     H  N N 72  
G   OP3    O  N N 73  
G   P      P  N N 74  
G   OP1    O  N N 75  
G   OP2    O  N N 76  
G   "O5'"  O  N N 77  
G   "C5'"  C  N N 78  
G   "C4'"  C  N R 79  
G   "O4'"  O  N N 80  
G   "C3'"  C  N S 81  
G   "O3'"  O  N N 82  
G   "C2'"  C  N R 83  
G   "O2'"  O  N N 84  
G   "C1'"  C  N R 85  
G   N9     N  Y N 86  
G   C8     C  Y N 87  
G   N7     N  Y N 88  
G   C5     C  Y N 89  
G   C6     C  N N 90  
G   O6     O  N N 91  
G   N1     N  N N 92  
G   C2     C  N N 93  
G   N2     N  N N 94  
G   N3     N  N N 95  
G   C4     C  Y N 96  
G   HOP3   H  N N 97  
G   HOP2   H  N N 98  
G   "H5'"  H  N N 99  
G   "H5''" H  N N 100 
G   "H4'"  H  N N 101 
G   "H3'"  H  N N 102 
G   "HO3'" H  N N 103 
G   "H2'"  H  N N 104 
G   "HO2'" H  N N 105 
G   "H1'"  H  N N 106 
G   H8     H  N N 107 
G   H1     H  N N 108 
G   H21    H  N N 109 
G   H22    H  N N 110 
HOH O      O  N N 111 
HOH H1     H  N N 112 
HOH H2     H  N N 113 
US3 P      P  N N 114 
US3 N1     N  N N 115 
US3 C2     C  N N 116 
US3 SE2    SE N N 117 
US3 N3     N  N N 118 
US3 C4     C  N N 119 
US3 O4     O  N N 120 
US3 C5     C  N N 121 
US3 C6     C  N N 122 
US3 "C1'"  C  N R 123 
US3 OP3    O  N N 124 
US3 "C2'"  C  N N 125 
US3 OP2    O  N N 126 
US3 "C3'"  C  N S 127 
US3 "O3'"  O  N N 128 
US3 "C4'"  C  N R 129 
US3 "O4'"  O  N N 130 
US3 "C5'"  C  N N 131 
US3 "O5'"  O  N N 132 
US3 C5A    C  N N 133 
US3 H6     H  N N 134 
US3 "H1'"  H  N N 135 
US3 HOP3   H  N N 136 
US3 "H2'"  H  N N 137 
US3 "H2'A" H  N N 138 
US3 HOP2   H  N N 139 
US3 "H3'"  H  N N 140 
US3 "HO3'" H  N N 141 
US3 "H4'"  H  N N 142 
US3 "H5'"  H  N N 143 
US3 "H5'A" H  N N 144 
US3 H5A    H  N N 145 
US3 H5AA   H  N N 146 
US3 H5AB   H  N N 147 
US3 HSE2   H  N N 148 
US3 OP1    O  N N 149 
# 
loop_
_chem_comp_bond.comp_id 
_chem_comp_bond.atom_id_1 
_chem_comp_bond.atom_id_2 
_chem_comp_bond.value_order 
_chem_comp_bond.pdbx_aromatic_flag 
_chem_comp_bond.pdbx_stereo_config 
_chem_comp_bond.pdbx_ordinal 
A   OP3   P      sing N N 1   
A   OP3   HOP3   sing N N 2   
A   P     OP1    doub N N 3   
A   P     OP2    sing N N 4   
A   P     "O5'"  sing N N 5   
A   OP2   HOP2   sing N N 6   
A   "O5'" "C5'"  sing N N 7   
A   "C5'" "C4'"  sing N N 8   
A   "C5'" "H5'"  sing N N 9   
A   "C5'" "H5''" sing N N 10  
A   "C4'" "O4'"  sing N N 11  
A   "C4'" "C3'"  sing N N 12  
A   "C4'" "H4'"  sing N N 13  
A   "O4'" "C1'"  sing N N 14  
A   "C3'" "O3'"  sing N N 15  
A   "C3'" "C2'"  sing N N 16  
A   "C3'" "H3'"  sing N N 17  
A   "O3'" "HO3'" sing N N 18  
A   "C2'" "O2'"  sing N N 19  
A   "C2'" "C1'"  sing N N 20  
A   "C2'" "H2'"  sing N N 21  
A   "O2'" "HO2'" sing N N 22  
A   "C1'" N9     sing N N 23  
A   "C1'" "H1'"  sing N N 24  
A   N9    C8     sing Y N 25  
A   N9    C4     sing Y N 26  
A   C8    N7     doub Y N 27  
A   C8    H8     sing N N 28  
A   N7    C5     sing Y N 29  
A   C5    C6     sing Y N 30  
A   C5    C4     doub Y N 31  
A   C6    N6     sing N N 32  
A   C6    N1     doub Y N 33  
A   N6    H61    sing N N 34  
A   N6    H62    sing N N 35  
A   N1    C2     sing Y N 36  
A   C2    N3     doub Y N 37  
A   C2    H2     sing N N 38  
A   N3    C4     sing Y N 39  
C   OP3   P      sing N N 40  
C   OP3   HOP3   sing N N 41  
C   P     OP1    doub N N 42  
C   P     OP2    sing N N 43  
C   P     "O5'"  sing N N 44  
C   OP2   HOP2   sing N N 45  
C   "O5'" "C5'"  sing N N 46  
C   "C5'" "C4'"  sing N N 47  
C   "C5'" "H5'"  sing N N 48  
C   "C5'" "H5''" sing N N 49  
C   "C4'" "O4'"  sing N N 50  
C   "C4'" "C3'"  sing N N 51  
C   "C4'" "H4'"  sing N N 52  
C   "O4'" "C1'"  sing N N 53  
C   "C3'" "O3'"  sing N N 54  
C   "C3'" "C2'"  sing N N 55  
C   "C3'" "H3'"  sing N N 56  
C   "O3'" "HO3'" sing N N 57  
C   "C2'" "O2'"  sing N N 58  
C   "C2'" "C1'"  sing N N 59  
C   "C2'" "H2'"  sing N N 60  
C   "O2'" "HO2'" sing N N 61  
C   "C1'" N1     sing N N 62  
C   "C1'" "H1'"  sing N N 63  
C   N1    C2     sing N N 64  
C   N1    C6     sing N N 65  
C   C2    O2     doub N N 66  
C   C2    N3     sing N N 67  
C   N3    C4     doub N N 68  
C   C4    N4     sing N N 69  
C   C4    C5     sing N N 70  
C   N4    H41    sing N N 71  
C   N4    H42    sing N N 72  
C   C5    C6     doub N N 73  
C   C5    H5     sing N N 74  
C   C6    H6     sing N N 75  
G   OP3   P      sing N N 76  
G   OP3   HOP3   sing N N 77  
G   P     OP1    doub N N 78  
G   P     OP2    sing N N 79  
G   P     "O5'"  sing N N 80  
G   OP2   HOP2   sing N N 81  
G   "O5'" "C5'"  sing N N 82  
G   "C5'" "C4'"  sing N N 83  
G   "C5'" "H5'"  sing N N 84  
G   "C5'" "H5''" sing N N 85  
G   "C4'" "O4'"  sing N N 86  
G   "C4'" "C3'"  sing N N 87  
G   "C4'" "H4'"  sing N N 88  
G   "O4'" "C1'"  sing N N 89  
G   "C3'" "O3'"  sing N N 90  
G   "C3'" "C2'"  sing N N 91  
G   "C3'" "H3'"  sing N N 92  
G   "O3'" "HO3'" sing N N 93  
G   "C2'" "O2'"  sing N N 94  
G   "C2'" "C1'"  sing N N 95  
G   "C2'" "H2'"  sing N N 96  
G   "O2'" "HO2'" sing N N 97  
G   "C1'" N9     sing N N 98  
G   "C1'" "H1'"  sing N N 99  
G   N9    C8     sing Y N 100 
G   N9    C4     sing Y N 101 
G   C8    N7     doub Y N 102 
G   C8    H8     sing N N 103 
G   N7    C5     sing Y N 104 
G   C5    C6     sing N N 105 
G   C5    C4     doub Y N 106 
G   C6    O6     doub N N 107 
G   C6    N1     sing N N 108 
G   N1    C2     sing N N 109 
G   N1    H1     sing N N 110 
G   C2    N2     sing N N 111 
G   C2    N3     doub N N 112 
G   N2    H21    sing N N 113 
G   N2    H22    sing N N 114 
G   N3    C4     sing N N 115 
HOH O     H1     sing N N 116 
HOH O     H2     sing N N 117 
US3 P     OP2    sing N N 118 
US3 N1    "C1'"  sing N N 119 
US3 N1    C6     sing N N 120 
US3 C2    N1     sing N N 121 
US3 C2    N3     doub N N 122 
US3 SE2   C2     sing N N 123 
US3 SE2   HSE2   sing N N 124 
US3 N3    C4     sing N N 125 
US3 C4    O4     doub N N 126 
US3 C4    C5     sing N N 127 
US3 C5    C5A    sing N N 128 
US3 C6    C5     doub N N 129 
US3 C6    H6     sing N N 130 
US3 "C1'" "O4'"  sing N N 131 
US3 "C1'" "H1'"  sing N N 132 
US3 OP3   P      sing N N 133 
US3 OP3   HOP3   sing N N 134 
US3 "C2'" "C1'"  sing N N 135 
US3 "C2'" "C3'"  sing N N 136 
US3 "C2'" "H2'"  sing N N 137 
US3 "C2'" "H2'A" sing N N 138 
US3 OP2   HOP2   sing N N 139 
US3 "C3'" "C4'"  sing N N 140 
US3 "C3'" "H3'"  sing N N 141 
US3 "O3'" "C3'"  sing N N 142 
US3 "O3'" "HO3'" sing N N 143 
US3 "C4'" "O4'"  sing N N 144 
US3 "C4'" "C5'"  sing N N 145 
US3 "C4'" "H4'"  sing N N 146 
US3 "C5'" "O5'"  sing N N 147 
US3 "C5'" "H5'"  sing N N 148 
US3 "C5'" "H5'A" sing N N 149 
US3 "O5'" P      sing N N 150 
US3 C5A   H5A    sing N N 151 
US3 C5A   H5AA   sing N N 152 
US3 C5A   H5AB   sing N N 153 
US3 P     OP1    doub N N 154 
# 
_ndb_struct_conf_na.entry_id   5TGP 
_ndb_struct_conf_na.feature    'a-form double helix' 
# 
loop_
_ndb_struct_na_base_pair.model_number 
_ndb_struct_na_base_pair.i_label_asym_id 
_ndb_struct_na_base_pair.i_label_comp_id 
_ndb_struct_na_base_pair.i_label_seq_id 
_ndb_struct_na_base_pair.i_symmetry 
_ndb_struct_na_base_pair.j_label_asym_id 
_ndb_struct_na_base_pair.j_label_comp_id 
_ndb_struct_na_base_pair.j_label_seq_id 
_ndb_struct_na_base_pair.j_symmetry 
_ndb_struct_na_base_pair.shear 
_ndb_struct_na_base_pair.stretch 
_ndb_struct_na_base_pair.stagger 
_ndb_struct_na_base_pair.buckle 
_ndb_struct_na_base_pair.propeller 
_ndb_struct_na_base_pair.opening 
_ndb_struct_na_base_pair.pair_number 
_ndb_struct_na_base_pair.pair_name 
_ndb_struct_na_base_pair.i_auth_asym_id 
_ndb_struct_na_base_pair.i_auth_seq_id 
_ndb_struct_na_base_pair.i_PDB_ins_code 
_ndb_struct_na_base_pair.j_auth_asym_id 
_ndb_struct_na_base_pair.j_auth_seq_id 
_ndb_struct_na_base_pair.j_PDB_ins_code 
_ndb_struct_na_base_pair.hbond_type_28 
_ndb_struct_na_base_pair.hbond_type_12 
1 A G   1 1_555 B C   8 1_555 -0.265 -0.087 -0.018 -12.200 -4.682  0.502  1 A_G1:C8_C   A 1 ? C 8 ? 19 1 
1 A US3 2 1_555 B A   7 1_555 -0.294 -0.115 0.126  -10.780 -12.192 -3.841 2 A_US32:A7_C A 2 ? C 7 ? 20 1 
1 A G   3 1_555 B C   6 1_555 -0.168 -0.140 0.029  -6.652  -8.494  0.156  3 A_G3:C6_C   A 3 ? C 6 ? 19 1 
1 A US3 4 1_555 B A   5 1_555 -0.214 -0.109 -0.082 -2.719  -9.800  -5.796 4 A_US34:A5_C A 4 ? C 5 ? 20 1 
1 A A   5 1_555 B US3 4 1_555 0.359  -0.076 0.025  1.288   -8.919  -5.229 5 A_A5:US34_C A 5 ? C 4 ? 20 1 
1 A C   6 1_555 B G   3 1_555 0.249  -0.165 0.192  5.304   -9.978  -1.985 6 A_C6:G3_C   A 6 ? C 3 ? 19 1 
1 A A   7 1_555 B US3 2 1_555 0.154  -0.172 0.143  7.673   -12.070 -2.550 7 A_A7:US32_C A 7 ? C 2 ? 20 1 
1 A C   8 1_555 B G   1 1_555 0.212  -0.192 0.072  2.324   -0.128  -1.937 8 A_C8:G1_C   A 8 ? C 1 ? 19 1 
# 
loop_
_ndb_struct_na_base_pair_step.model_number 
_ndb_struct_na_base_pair_step.i_label_asym_id_1 
_ndb_struct_na_base_pair_step.i_label_comp_id_1 
_ndb_struct_na_base_pair_step.i_label_seq_id_1 
_ndb_struct_na_base_pair_step.i_symmetry_1 
_ndb_struct_na_base_pair_step.j_label_asym_id_1 
_ndb_struct_na_base_pair_step.j_label_comp_id_1 
_ndb_struct_na_base_pair_step.j_label_seq_id_1 
_ndb_struct_na_base_pair_step.j_symmetry_1 
_ndb_struct_na_base_pair_step.i_label_asym_id_2 
_ndb_struct_na_base_pair_step.i_label_comp_id_2 
_ndb_struct_na_base_pair_step.i_label_seq_id_2 
_ndb_struct_na_base_pair_step.i_symmetry_2 
_ndb_struct_na_base_pair_step.j_label_asym_id_2 
_ndb_struct_na_base_pair_step.j_label_comp_id_2 
_ndb_struct_na_base_pair_step.j_label_seq_id_2 
_ndb_struct_na_base_pair_step.j_symmetry_2 
_ndb_struct_na_base_pair_step.shift 
_ndb_struct_na_base_pair_step.slide 
_ndb_struct_na_base_pair_step.rise 
_ndb_struct_na_base_pair_step.tilt 
_ndb_struct_na_base_pair_step.roll 
_ndb_struct_na_base_pair_step.twist 
_ndb_struct_na_base_pair_step.x_displacement 
_ndb_struct_na_base_pair_step.y_displacement 
_ndb_struct_na_base_pair_step.helical_rise 
_ndb_struct_na_base_pair_step.inclination 
_ndb_struct_na_base_pair_step.tip 
_ndb_struct_na_base_pair_step.helical_twist 
_ndb_struct_na_base_pair_step.step_number 
_ndb_struct_na_base_pair_step.step_name 
_ndb_struct_na_base_pair_step.i_auth_asym_id_1 
_ndb_struct_na_base_pair_step.i_auth_seq_id_1 
_ndb_struct_na_base_pair_step.i_PDB_ins_code_1 
_ndb_struct_na_base_pair_step.j_auth_asym_id_1 
_ndb_struct_na_base_pair_step.j_auth_seq_id_1 
_ndb_struct_na_base_pair_step.j_PDB_ins_code_1 
_ndb_struct_na_base_pair_step.i_auth_asym_id_2 
_ndb_struct_na_base_pair_step.i_auth_seq_id_2 
_ndb_struct_na_base_pair_step.i_PDB_ins_code_2 
_ndb_struct_na_base_pair_step.j_auth_asym_id_2 
_ndb_struct_na_base_pair_step.j_auth_seq_id_2 
_ndb_struct_na_base_pair_step.j_PDB_ins_code_2 
1 A G   1 1_555 B C   8 1_555 A US3 2 1_555 B A   7 1_555 -0.054 -2.055 3.340 1.401  5.194  33.554 -4.328 0.312  2.993 8.926  
-2.408 33.970 1 AA_G1US32:A7C8_CC   A 1 ? C 8 ? A 2 ? C 7 ? 
1 A US3 2 1_555 B A   7 1_555 A G   3 1_555 B C   6 1_555 0.360  -1.443 3.129 1.960  10.659 28.072 -4.714 -0.339 2.448 21.010 
-3.863 30.052 2 AA_US32G3:C6A7_CC   A 2 ? C 7 ? A 3 ? C 6 ? 
1 A G   3 1_555 B C   6 1_555 A US3 4 1_555 B A   5 1_555 -0.819 -1.396 3.266 0.123  6.378  33.421 -3.363 1.419  2.954 10.965 
-0.211 34.007 3 AA_G3US34:A5C6_CC   A 3 ? C 6 ? A 4 ? C 5 ? 
1 A US3 4 1_555 B A   5 1_555 A A   5 1_555 B US3 4 1_555 0.163  -1.200 3.216 -0.441 9.945  31.580 -3.670 -0.356 2.720 17.731 
0.786  33.073 4 AA_US34A5:US34A5_CC A 4 ? C 5 ? A 5 ? C 4 ? 
1 A A   5 1_555 B US3 4 1_555 A C   6 1_555 B G   3 1_555 0.614  -1.492 3.308 -0.715 4.683  34.004 -3.247 -1.150 3.068 7.960  
1.215  34.322 5 AA_A5C6:G3US34_CC   A 5 ? C 4 ? A 6 ? C 3 ? 
1 A C   6 1_555 B G   3 1_555 A A   7 1_555 B US3 2 1_555 0.026  -1.642 3.084 -1.131 8.929  28.719 -4.755 -0.252 2.470 17.467 
2.212  30.068 6 AA_C6A7:US32G3_CC   A 6 ? C 3 ? A 7 ? C 2 ? 
1 A A   7 1_555 B US3 2 1_555 A C   8 1_555 B G   1 1_555 -0.089 -2.275 3.486 -1.826 4.098  35.292 -4.338 -0.127 3.210 6.726  
2.997  35.567 7 AA_A7C8:G1US32_CC   A 7 ? C 2 ? A 8 ? C 1 ? 
# 
_pdbx_entity_nonpoly.entity_id   2 
_pdbx_entity_nonpoly.name        water 
_pdbx_entity_nonpoly.comp_id     HOH 
# 
_pdbx_initial_refinement_model.id               1 
_pdbx_initial_refinement_model.entity_id_list   ? 
_pdbx_initial_refinement_model.type             'experimental model' 
_pdbx_initial_refinement_model.source_name      PDB 
_pdbx_initial_refinement_model.accession_code   1DNS 
_pdbx_initial_refinement_model.details          ? 
# 
